data_5AQA
#
_entry.id   5AQA
#
_cell.length_a   163.120
_cell.length_b   163.120
_cell.length_c   66.760
_cell.angle_alpha   90.00
_cell.angle_beta   90.00
_cell.angle_gamma   120.00
#
_symmetry.space_group_name_H-M   'P 62'
#
loop_
_entity.id
_entity.type
_entity.pdbx_description
1 polymer OFF7_DB04V3
2 non-polymer 'THIOCYANATE ION'
3 water water
#
_entity_poly.entity_id   1
_entity_poly.type   'polypeptide(L)'
_entity_poly.pdbx_seq_one_letter_code
;MRGSHHHHHHGSDLGRKLLEAARAGQDDEVRILMANGADVNAADNTGTTPLHLAAYSGHLEIVEVLLKHGADVDASDVFG
YTPLHLAAYWGHLEIVEVLLKNGADVNAMDSDGMTPLHLAAKWGYKEIVEVLLKAGADVDAQDKFGKRPLWLAADQGHAE
IAAKLVAARLKARVGYIELDLNSGKILESVRSEERFPMMSTFKVLLAGAILSRIDAGQEQLGRRIHYSQNDLVEYSPVTE
KHLTDGMTVRELASAAITMSDNTAANLLLTTIGGPKGLTAFLHNMGDHVTRLDRWEPELNEAIPNDERDTTTPVAMATTL
RKLLTGELLTPASRQQLMDWMEADKVAGPLLRSVLPAGWFIADKSGAGERGSRGIVAALGPDGKPSRIVVIYTTGSQATM
DILNEAIAMLGRAMIEKW
;
_entity_poly.pdbx_strand_id   A,B
#
loop_
_chem_comp.id
_chem_comp.type
_chem_comp.name
_chem_comp.formula
SCN non-polymer 'THIOCYANATE ION' 'C N S -1'
#
# COMPACT_ATOMS: atom_id res chain seq x y z
N HIS A 7 -18.78 -19.31 45.36
CA HIS A 7 -17.51 -18.70 45.01
C HIS A 7 -17.70 -17.27 44.52
N HIS A 8 -18.94 -16.83 44.44
CA HIS A 8 -19.26 -15.42 44.22
C HIS A 8 -19.11 -14.60 45.49
N HIS A 9 -18.79 -15.24 46.63
CA HIS A 9 -18.70 -14.54 47.90
C HIS A 9 -17.57 -13.53 47.91
N HIS A 10 -16.65 -13.59 46.96
CA HIS A 10 -15.51 -12.69 46.94
C HIS A 10 -15.89 -11.34 46.32
N GLY A 11 -16.98 -10.75 46.80
CA GLY A 11 -17.41 -9.46 46.30
C GLY A 11 -16.63 -8.32 46.92
N SER A 12 -16.48 -7.24 46.14
CA SER A 12 -15.59 -6.14 46.49
C SER A 12 -16.28 -4.83 46.13
N ASP A 13 -16.64 -4.04 47.15
CA ASP A 13 -17.27 -2.75 46.89
C ASP A 13 -16.32 -1.80 46.18
N LEU A 14 -15.02 -1.91 46.42
CA LEU A 14 -14.05 -1.08 45.70
C LEU A 14 -14.03 -1.43 44.22
N GLY A 15 -13.93 -2.73 43.91
CA GLY A 15 -13.98 -3.15 42.51
C GLY A 15 -15.31 -2.84 41.86
N ARG A 16 -16.40 -2.95 42.62
CA ARG A 16 -17.71 -2.60 42.10
C ARG A 16 -17.80 -1.11 41.79
N LYS A 17 -17.25 -0.27 42.67
CA LYS A 17 -17.22 1.17 42.43
C LYS A 17 -16.35 1.52 41.24
N LEU A 18 -15.26 0.79 41.04
CA LEU A 18 -14.36 1.05 39.93
C LEU A 18 -15.00 0.72 38.60
N LEU A 19 -15.80 -0.35 38.56
CA LEU A 19 -16.54 -0.66 37.35
C LEU A 19 -17.46 0.49 36.98
N GLU A 20 -18.18 1.04 37.97
CA GLU A 20 -19.14 2.10 37.70
C GLU A 20 -18.42 3.36 37.21
N ALA A 21 -17.33 3.74 37.86
CA ALA A 21 -16.60 4.93 37.44
C ALA A 21 -16.01 4.77 36.05
N ALA A 22 -15.64 3.54 35.65
CA ALA A 22 -15.16 3.32 34.30
C ALA A 22 -16.28 3.44 33.29
N ARG A 23 -17.44 2.86 33.61
CA ARG A 23 -18.60 2.98 32.72
C ARG A 23 -19.10 4.42 32.68
N ALA A 24 -19.11 5.10 33.82
CA ALA A 24 -19.62 6.47 33.90
C ALA A 24 -18.60 7.52 33.44
N GLY A 25 -17.41 7.11 33.02
CA GLY A 25 -16.43 8.05 32.53
C GLY A 25 -15.79 8.96 33.57
N GLN A 26 -16.06 8.75 34.85
CA GLN A 26 -15.45 9.54 35.90
C GLN A 26 -13.98 9.17 36.08
N ASP A 27 -13.10 9.78 35.30
CA ASP A 27 -11.69 9.36 35.29
C ASP A 27 -10.94 9.83 36.54
N ASP A 28 -11.33 10.95 37.15
CA ASP A 28 -10.72 11.33 38.42
C ASP A 28 -11.14 10.37 39.53
N GLU A 29 -12.39 9.93 39.52
CA GLU A 29 -12.85 8.99 40.54
C GLU A 29 -12.20 7.63 40.35
N VAL A 30 -11.99 7.23 39.10
CA VAL A 30 -11.31 5.97 38.84
C VAL A 30 -9.93 5.98 39.49
N ARG A 31 -9.21 7.08 39.34
CA ARG A 31 -7.88 7.20 39.92
C ARG A 31 -7.93 7.30 41.43
N ILE A 32 -8.93 7.95 42.00
CA ILE A 32 -9.13 7.90 43.45
C ILE A 32 -9.29 6.46 43.93
N LEU A 33 -10.12 5.68 43.23
CA LEU A 33 -10.34 4.30 43.63
C LEU A 33 -9.09 3.45 43.43
N MET A 34 -8.13 3.94 42.63
CA MET A 34 -6.86 3.24 42.48
C MET A 34 -6.00 3.42 43.73
N ALA A 35 -5.94 4.65 44.25
CA ALA A 35 -5.12 4.94 45.41
C ALA A 35 -5.70 4.37 46.69
N ASN A 36 -6.99 4.01 46.67
CA ASN A 36 -7.59 3.29 47.78
C ASN A 36 -7.58 1.78 47.59
N GLY A 37 -6.80 1.30 46.62
CA GLY A 37 -6.54 -0.12 46.54
C GLY A 37 -7.60 -0.93 45.81
N ALA A 38 -8.22 -0.37 44.79
CA ALA A 38 -9.20 -1.14 44.05
C ALA A 38 -8.52 -1.95 42.96
N ASP A 39 -9.21 -2.99 42.51
CA ASP A 39 -8.65 -3.97 41.58
C ASP A 39 -8.91 -3.51 40.16
N VAL A 40 -7.84 -3.33 39.38
CA VAL A 40 -7.99 -2.97 37.97
C VAL A 40 -8.58 -4.13 37.19
N ASN A 41 -8.57 -5.33 37.76
CA ASN A 41 -9.11 -6.52 37.11
C ASN A 41 -10.37 -7.03 37.80
N ALA A 42 -11.08 -6.15 38.51
CA ALA A 42 -12.37 -6.51 39.08
C ALA A 42 -13.30 -6.99 37.96
N ALA A 43 -14.28 -7.81 38.33
CA ALA A 43 -15.12 -8.45 37.33
C ALA A 43 -16.49 -8.76 37.93
N ASP A 44 -17.53 -8.15 37.37
CA ASP A 44 -18.90 -8.41 37.84
C ASP A 44 -19.27 -9.86 37.50
N ASN A 45 -20.56 -10.19 37.68
CA ASN A 45 -20.99 -11.56 37.44
C ASN A 45 -20.80 -11.95 35.97
N THR A 46 -21.12 -11.04 35.05
CA THR A 46 -20.96 -11.29 33.63
C THR A 46 -19.50 -11.42 33.21
N GLY A 47 -18.57 -11.10 34.10
CA GLY A 47 -17.15 -11.10 33.77
C GLY A 47 -16.64 -9.81 33.19
N THR A 48 -17.42 -8.73 33.27
CA THR A 48 -17.00 -7.44 32.73
C THR A 48 -16.04 -6.75 33.69
N THR A 49 -14.97 -6.19 33.14
CA THR A 49 -13.95 -5.50 33.92
C THR A 49 -14.00 -4.00 33.69
N PRO A 50 -13.33 -3.22 34.52
CA PRO A 50 -13.28 -1.76 34.26
C PRO A 50 -12.75 -1.45 32.87
N LEU A 51 -11.82 -2.25 32.37
CA LEU A 51 -11.29 -2.01 31.04
C LEU A 51 -12.35 -2.30 29.97
N HIS A 52 -13.17 -3.32 30.20
CA HIS A 52 -14.33 -3.54 29.33
C HIS A 52 -15.20 -2.31 29.27
N LEU A 53 -15.61 -1.80 30.44
CA LEU A 53 -16.54 -0.68 30.48
C LEU A 53 -15.91 0.60 29.94
N ALA A 54 -14.62 0.81 30.21
CA ALA A 54 -13.94 2.00 29.69
C ALA A 54 -13.92 1.97 28.16
N ALA A 55 -13.71 0.80 27.56
CA ALA A 55 -13.70 0.69 26.12
C ALA A 55 -15.10 0.74 25.54
N TYR A 56 -16.10 0.29 26.29
CA TYR A 56 -17.48 0.37 25.83
C TYR A 56 -17.95 1.82 25.77
N SER A 57 -17.77 2.57 26.85
CA SER A 57 -18.22 3.95 26.91
C SER A 57 -17.30 4.89 26.14
N GLY A 58 -16.07 4.48 25.86
CA GLY A 58 -15.21 5.22 24.96
C GLY A 58 -14.38 6.29 25.64
N HIS A 59 -13.89 6.01 26.84
CA HIS A 59 -13.12 6.97 27.63
C HIS A 59 -11.66 6.59 27.49
N LEU A 60 -10.96 7.28 26.58
CA LEU A 60 -9.57 6.93 26.29
C LEU A 60 -8.71 7.02 27.54
N GLU A 61 -8.85 8.11 28.29
CA GLU A 61 -8.01 8.32 29.48
C GLU A 61 -8.17 7.17 30.48
N ILE A 62 -9.41 6.77 30.74
CA ILE A 62 -9.65 5.70 31.71
C ILE A 62 -9.04 4.39 31.21
N VAL A 63 -9.14 4.13 29.91
CA VAL A 63 -8.49 2.95 29.34
C VAL A 63 -6.99 3.06 29.55
N GLU A 64 -6.42 4.22 29.28
CA GLU A 64 -4.99 4.44 29.47
C GLU A 64 -4.56 4.04 30.87
N VAL A 65 -5.10 4.71 31.89
CA VAL A 65 -4.61 4.52 33.26
C VAL A 65 -4.85 3.10 33.74
N LEU A 66 -5.96 2.48 33.31
CA LEU A 66 -6.24 1.11 33.75
C LEU A 66 -5.17 0.15 33.25
N LEU A 67 -4.71 0.33 32.02
CA LEU A 67 -3.64 -0.51 31.51
C LEU A 67 -2.28 -0.12 32.06
N LYS A 68 -2.07 1.16 32.36
CA LYS A 68 -0.85 1.57 33.05
C LYS A 68 -0.65 0.77 34.33
N HIS A 69 -1.74 0.51 35.06
CA HIS A 69 -1.69 -0.22 36.31
C HIS A 69 -2.01 -1.69 36.15
N GLY A 70 -1.66 -2.28 35.01
CA GLY A 70 -1.70 -3.72 34.85
C GLY A 70 -3.08 -4.31 34.73
N ALA A 71 -3.93 -3.70 33.91
CA ALA A 71 -5.24 -4.28 33.63
C ALA A 71 -5.11 -5.34 32.54
N ASP A 72 -5.85 -6.44 32.70
CA ASP A 72 -5.81 -7.51 31.72
C ASP A 72 -6.39 -7.00 30.40
N VAL A 73 -5.53 -6.86 29.40
CA VAL A 73 -5.96 -6.31 28.11
C VAL A 73 -6.86 -7.31 27.39
N ASP A 74 -6.57 -8.60 27.53
CA ASP A 74 -7.32 -9.66 26.86
C ASP A 74 -8.36 -10.30 27.77
N ALA A 75 -8.84 -9.55 28.77
CA ALA A 75 -9.90 -10.06 29.63
C ALA A 75 -11.13 -10.40 28.81
N SER A 76 -11.66 -11.60 29.00
CA SER A 76 -12.84 -12.07 28.28
C SER A 76 -14.00 -12.28 29.24
N ASP A 77 -15.14 -11.67 28.92
CA ASP A 77 -16.32 -11.77 29.77
C ASP A 77 -17.03 -13.08 29.47
N VAL A 78 -18.26 -13.23 29.98
CA VAL A 78 -19.00 -14.48 29.86
C VAL A 78 -19.49 -14.74 28.44
N PHE A 79 -19.36 -13.76 27.54
CA PHE A 79 -19.78 -13.93 26.15
C PHE A 79 -18.58 -13.99 25.21
N GLY A 80 -17.36 -14.03 25.74
CA GLY A 80 -16.17 -14.06 24.91
C GLY A 80 -15.71 -12.70 24.45
N TYR A 81 -16.32 -11.62 24.93
CA TYR A 81 -15.96 -10.28 24.51
C TYR A 81 -14.67 -9.81 25.19
N THR A 82 -13.72 -9.39 24.39
CA THR A 82 -12.55 -8.65 24.82
C THR A 82 -12.85 -7.15 24.80
N PRO A 83 -12.24 -6.33 25.65
CA PRO A 83 -12.45 -4.88 25.51
C PRO A 83 -12.19 -4.38 24.10
N LEU A 84 -11.36 -5.10 23.34
CA LEU A 84 -11.14 -4.77 21.93
C LEU A 84 -12.41 -4.98 21.12
N HIS A 85 -13.15 -6.06 21.41
CA HIS A 85 -14.45 -6.23 20.79
C HIS A 85 -15.32 -5.00 21.00
N LEU A 86 -15.46 -4.57 22.26
CA LEU A 86 -16.32 -3.44 22.57
C LEU A 86 -15.83 -2.17 21.88
N ALA A 87 -14.51 -1.96 21.85
CA ALA A 87 -13.98 -0.79 21.16
C ALA A 87 -14.29 -0.84 19.67
N ALA A 88 -14.17 -2.03 19.05
CA ALA A 88 -14.46 -2.15 17.63
C ALA A 88 -15.97 -2.07 17.35
N TYR A 89 -16.80 -2.53 18.29
CA TYR A 89 -18.24 -2.45 18.10
C TYR A 89 -18.73 -1.01 18.07
N TRP A 90 -18.11 -0.14 18.89
CA TRP A 90 -18.57 1.24 19.04
C TRP A 90 -17.75 2.23 18.24
N GLY A 91 -16.71 1.81 17.55
CA GLY A 91 -15.98 2.69 16.67
C GLY A 91 -14.94 3.54 17.34
N HIS A 92 -14.56 3.22 18.57
CA HIS A 92 -13.56 4.00 19.29
C HIS A 92 -12.17 3.72 18.76
N LEU A 93 -11.75 4.51 17.78
CA LEU A 93 -10.48 4.27 17.09
C LEU A 93 -9.32 4.31 18.07
N GLU A 94 -9.22 5.39 18.84
CA GLU A 94 -8.06 5.58 19.71
C GLU A 94 -7.92 4.43 20.71
N ILE A 95 -9.03 3.94 21.25
CA ILE A 95 -8.98 2.85 22.23
C ILE A 95 -8.53 1.56 21.56
N VAL A 96 -9.04 1.28 20.34
CA VAL A 96 -8.54 0.13 19.59
C VAL A 96 -7.03 0.23 19.45
N GLU A 97 -6.52 1.44 19.19
CA GLU A 97 -5.10 1.64 18.99
C GLU A 97 -4.29 1.32 20.24
N VAL A 98 -4.69 1.85 21.40
CA VAL A 98 -3.93 1.58 22.62
C VAL A 98 -4.05 0.12 23.01
N LEU A 99 -5.24 -0.47 22.88
CA LEU A 99 -5.40 -1.87 23.24
C LEU A 99 -4.44 -2.74 22.46
N LEU A 100 -4.28 -2.48 21.17
CA LEU A 100 -3.28 -3.19 20.38
C LEU A 100 -1.88 -2.77 20.79
N LYS A 101 -1.71 -1.50 21.16
CA LYS A 101 -0.41 -1.01 21.64
C LYS A 101 0.04 -1.76 22.88
N ASN A 102 -0.91 -2.14 23.73
CA ASN A 102 -0.62 -2.89 24.94
C ASN A 102 -0.78 -4.40 24.73
N GLY A 103 -0.65 -4.87 23.49
CA GLY A 103 -0.63 -6.30 23.23
C GLY A 103 -1.97 -7.00 23.29
N ALA A 104 -3.03 -6.37 22.84
CA ALA A 104 -4.31 -7.04 22.75
C ALA A 104 -4.30 -8.07 21.61
N ASP A 105 -5.17 -9.08 21.75
CA ASP A 105 -5.29 -10.14 20.74
C ASP A 105 -6.19 -9.66 19.62
N VAL A 106 -5.60 -9.30 18.48
CA VAL A 106 -6.37 -8.74 17.38
C VAL A 106 -7.43 -9.73 16.89
N ASN A 107 -7.13 -11.02 16.97
CA ASN A 107 -8.03 -12.08 16.50
C ASN A 107 -8.75 -12.77 17.64
N ALA A 108 -9.14 -12.04 18.68
CA ALA A 108 -9.89 -12.61 19.77
C ALA A 108 -11.27 -13.03 19.31
N MET A 109 -11.69 -14.23 19.69
CA MET A 109 -12.95 -14.80 19.26
C MET A 109 -13.90 -14.91 20.44
N ASP A 110 -15.15 -14.50 20.23
CA ASP A 110 -16.17 -14.57 21.25
C ASP A 110 -16.97 -15.86 21.11
N SER A 111 -18.05 -15.99 21.88
CA SER A 111 -18.90 -17.18 21.81
C SER A 111 -19.25 -17.50 20.36
N ASP A 112 -19.70 -16.51 19.60
CA ASP A 112 -20.14 -16.72 18.23
C ASP A 112 -19.00 -16.74 17.23
N GLY A 113 -17.75 -16.65 17.68
CA GLY A 113 -16.62 -16.64 16.76
C GLY A 113 -16.31 -15.29 16.18
N MET A 114 -16.97 -14.23 16.62
CA MET A 114 -16.78 -12.90 16.05
C MET A 114 -15.46 -12.33 16.55
N THR A 115 -14.55 -12.06 15.62
CA THR A 115 -13.36 -11.27 15.89
C THR A 115 -13.72 -9.78 15.86
N PRO A 116 -12.85 -8.92 16.38
CA PRO A 116 -13.12 -7.47 16.26
C PRO A 116 -13.16 -6.99 14.82
N LEU A 117 -12.54 -7.71 13.88
CA LEU A 117 -12.63 -7.32 12.48
C LEU A 117 -14.03 -7.55 11.93
N HIS A 118 -14.68 -8.63 12.36
CA HIS A 118 -16.09 -8.83 12.02
C HIS A 118 -16.89 -7.60 12.41
N LEU A 119 -16.67 -7.11 13.62
CA LEU A 119 -17.46 -6.00 14.14
C LEU A 119 -17.17 -4.71 13.39
N ALA A 120 -15.89 -4.37 13.23
CA ALA A 120 -15.53 -3.12 12.57
C ALA A 120 -15.91 -3.13 11.10
N ALA A 121 -15.75 -4.28 10.42
CA ALA A 121 -16.10 -4.36 9.01
C ALA A 121 -17.61 -4.26 8.81
N LYS A 122 -18.38 -4.89 9.70
CA LYS A 122 -19.83 -4.88 9.56
C LYS A 122 -20.40 -3.48 9.67
N TRP A 123 -19.94 -2.70 10.64
CA TRP A 123 -20.53 -1.41 10.97
C TRP A 123 -19.81 -0.24 10.32
N GLY A 124 -18.94 -0.50 9.35
CA GLY A 124 -18.39 0.59 8.55
C GLY A 124 -17.35 1.43 9.23
N TYR A 125 -16.58 0.87 10.17
CA TYR A 125 -15.55 1.63 10.87
C TYR A 125 -14.28 1.58 10.02
N LYS A 126 -14.20 2.55 9.10
CA LYS A 126 -13.14 2.61 8.11
C LYS A 126 -11.75 2.56 8.75
N GLU A 127 -11.50 3.45 9.71
CA GLU A 127 -10.16 3.59 10.25
C GLU A 127 -9.78 2.38 11.10
N ILE A 128 -10.71 1.86 11.88
CA ILE A 128 -10.42 0.73 12.75
C ILE A 128 -10.02 -0.50 11.94
N VAL A 129 -10.71 -0.74 10.83
CA VAL A 129 -10.35 -1.85 9.95
C VAL A 129 -8.89 -1.70 9.50
N GLU A 130 -8.52 -0.49 9.09
CA GLU A 130 -7.14 -0.23 8.69
C GLU A 130 -6.17 -0.60 9.80
N VAL A 131 -6.53 -0.33 11.05
CA VAL A 131 -5.65 -0.65 12.17
C VAL A 131 -5.67 -2.15 12.46
N LEU A 132 -6.87 -2.75 12.47
CA LEU A 132 -6.96 -4.19 12.70
C LEU A 132 -6.19 -4.96 11.63
N LEU A 133 -6.33 -4.55 10.37
CA LEU A 133 -5.62 -5.23 9.29
C LEU A 133 -4.11 -5.18 9.50
N LYS A 134 -3.56 -4.00 9.76
CA LYS A 134 -2.12 -3.89 9.97
C LYS A 134 -1.68 -4.67 11.20
N ALA A 135 -2.55 -4.80 12.19
CA ALA A 135 -2.26 -5.62 13.36
C ALA A 135 -2.38 -7.12 13.09
N GLY A 136 -2.73 -7.52 11.87
CA GLY A 136 -2.79 -8.92 11.53
C GLY A 136 -4.11 -9.59 11.76
N ALA A 137 -5.22 -8.86 11.63
CA ALA A 137 -6.52 -9.48 11.74
C ALA A 137 -6.69 -10.55 10.67
N ASP A 138 -7.28 -11.68 11.06
CA ASP A 138 -7.51 -12.81 10.16
C ASP A 138 -8.72 -12.52 9.28
N VAL A 139 -8.49 -12.30 7.98
CA VAL A 139 -9.58 -12.00 7.07
C VAL A 139 -10.42 -13.22 6.75
N ASP A 140 -9.99 -14.41 7.15
CA ASP A 140 -10.73 -15.63 6.91
C ASP A 140 -11.46 -16.11 8.16
N ALA A 141 -11.47 -15.31 9.22
CA ALA A 141 -12.15 -15.70 10.44
C ALA A 141 -13.62 -15.95 10.16
N GLN A 142 -14.10 -17.13 10.54
CA GLN A 142 -15.50 -17.48 10.41
C GLN A 142 -16.20 -17.25 11.74
N ASP A 143 -17.42 -16.72 11.68
CA ASP A 143 -18.19 -16.50 12.89
C ASP A 143 -19.02 -17.74 13.20
N LYS A 144 -20.04 -17.61 14.05
CA LYS A 144 -20.88 -18.75 14.38
C LYS A 144 -21.56 -19.31 13.14
N PHE A 145 -21.93 -18.43 12.20
CA PHE A 145 -22.63 -18.82 10.98
C PHE A 145 -21.67 -19.07 9.82
N GLY A 146 -20.38 -19.21 10.09
CA GLY A 146 -19.40 -19.37 9.05
C GLY A 146 -19.04 -18.11 8.30
N LYS A 147 -19.71 -16.99 8.59
CA LYS A 147 -19.50 -15.78 7.82
C LYS A 147 -18.13 -15.19 8.11
N ARG A 148 -17.52 -14.60 7.06
CA ARG A 148 -16.26 -13.88 7.22
C ARG A 148 -16.47 -12.38 7.22
N PRO A 149 -15.49 -11.61 7.71
CA PRO A 149 -15.68 -10.15 7.81
C PRO A 149 -16.06 -9.48 6.51
N LEU A 150 -15.45 -9.88 5.39
CA LEU A 150 -15.77 -9.26 4.12
C LEU A 150 -17.24 -9.43 3.73
N TRP A 151 -17.82 -10.59 4.04
CA TRP A 151 -19.23 -10.80 3.73
C TRP A 151 -20.09 -9.78 4.46
N LEU A 152 -19.78 -9.53 5.74
CA LEU A 152 -20.55 -8.58 6.53
C LEU A 152 -20.39 -7.15 6.03
N ALA A 153 -19.21 -6.81 5.52
CA ALA A 153 -19.00 -5.48 4.96
C ALA A 153 -19.83 -5.27 3.70
N ALA A 154 -19.75 -6.21 2.75
CA ALA A 154 -20.52 -6.10 1.52
C ALA A 154 -22.01 -6.09 1.80
N ASP A 155 -22.48 -6.98 2.68
CA ASP A 155 -23.89 -7.01 3.02
C ASP A 155 -24.38 -5.68 3.56
N GLN A 156 -23.50 -4.91 4.19
CA GLN A 156 -23.84 -3.61 4.75
C GLN A 156 -23.37 -2.45 3.86
N GLY A 157 -22.84 -2.76 2.68
CA GLY A 157 -22.56 -1.73 1.71
C GLY A 157 -21.39 -0.83 2.02
N HIS A 158 -20.34 -1.37 2.66
CA HIS A 158 -19.15 -0.60 3.01
C HIS A 158 -18.06 -0.92 1.99
N ALA A 159 -18.09 -0.20 0.87
CA ALA A 159 -17.28 -0.55 -0.29
C ALA A 159 -15.78 -0.36 -0.02
N GLU A 160 -15.39 0.75 0.59
CA GLU A 160 -13.97 0.98 0.85
C GLU A 160 -13.42 -0.11 1.74
N ILE A 161 -14.12 -0.43 2.83
CA ILE A 161 -13.68 -1.52 3.69
C ILE A 161 -13.59 -2.81 2.89
N ALA A 162 -14.61 -3.09 2.09
CA ALA A 162 -14.58 -4.28 1.24
C ALA A 162 -13.38 -4.27 0.30
N ALA A 163 -13.14 -3.14 -0.37
CA ALA A 163 -11.99 -3.04 -1.26
C ALA A 163 -10.71 -3.40 -0.53
N LYS A 164 -10.56 -2.94 0.71
CA LYS A 164 -9.40 -3.30 1.50
C LYS A 164 -9.37 -4.79 1.80
N LEU A 165 -10.54 -5.37 2.09
CA LEU A 165 -10.59 -6.78 2.49
C LEU A 165 -10.30 -7.70 1.31
N VAL A 166 -10.75 -7.37 0.09
CA VAL A 166 -10.42 -8.23 -1.04
C VAL A 166 -8.95 -8.12 -1.37
N ALA A 167 -8.38 -6.91 -1.24
CA ALA A 167 -6.95 -6.73 -1.43
C ALA A 167 -6.17 -7.67 -0.50
N ALA A 168 -6.62 -7.81 0.74
CA ALA A 168 -6.01 -8.77 1.65
C ALA A 168 -6.08 -10.17 1.07
N ARG A 169 -7.28 -10.58 0.64
CA ARG A 169 -7.46 -11.94 0.12
C ARG A 169 -6.68 -12.13 -1.17
N LEU A 170 -6.71 -11.16 -2.07
CA LEU A 170 -5.93 -11.24 -3.30
C LEU A 170 -4.43 -11.04 -3.05
N LYS A 171 -4.05 -10.55 -1.88
CA LYS A 171 -2.66 -10.19 -1.61
C LYS A 171 -2.12 -9.32 -2.74
N ALA A 172 -2.88 -8.29 -3.09
CA ALA A 172 -2.56 -7.42 -4.22
C ALA A 172 -3.27 -6.10 -4.03
N ARG A 173 -2.73 -5.07 -4.69
CA ARG A 173 -3.35 -3.76 -4.65
C ARG A 173 -4.71 -3.79 -5.34
N VAL A 174 -5.66 -3.06 -4.75
CA VAL A 174 -6.99 -2.87 -5.33
C VAL A 174 -7.26 -1.38 -5.44
N GLY A 175 -7.53 -0.91 -6.64
CA GLY A 175 -7.95 0.47 -6.86
C GLY A 175 -9.47 0.54 -6.99
N TYR A 176 -10.06 1.51 -6.32
CA TYR A 176 -11.50 1.63 -6.25
C TYR A 176 -11.88 3.10 -6.09
N ILE A 177 -12.89 3.54 -6.83
CA ILE A 177 -13.40 4.90 -6.69
C ILE A 177 -14.84 4.93 -7.17
N GLU A 178 -15.64 5.81 -6.58
CA GLU A 178 -17.02 6.02 -6.95
C GLU A 178 -17.24 7.51 -7.18
N LEU A 179 -17.85 7.84 -8.32
CA LEU A 179 -18.19 9.21 -8.66
C LEU A 179 -19.69 9.32 -8.77
N ASP A 180 -20.24 10.46 -8.34
CA ASP A 180 -21.59 10.81 -8.73
C ASP A 180 -21.59 11.10 -10.22
N LEU A 181 -22.53 10.49 -10.96
CA LEU A 181 -22.45 10.56 -12.41
C LEU A 181 -22.68 11.97 -12.94
N ASN A 182 -23.51 12.76 -12.26
CA ASN A 182 -23.84 14.09 -12.76
C ASN A 182 -22.92 15.15 -12.18
N SER A 183 -22.71 15.14 -10.85
CA SER A 183 -21.91 16.17 -10.23
C SER A 183 -20.41 15.90 -10.40
N GLY A 184 -20.00 14.64 -10.28
CA GLY A 184 -18.59 14.29 -10.26
C GLY A 184 -18.00 14.17 -8.87
N LYS A 185 -18.79 14.44 -7.83
CA LYS A 185 -18.31 14.31 -6.46
C LYS A 185 -17.76 12.90 -6.22
N ILE A 186 -16.56 12.83 -5.66
CA ILE A 186 -15.96 11.56 -5.29
C ILE A 186 -16.62 11.06 -4.01
N LEU A 187 -17.24 9.89 -4.08
CA LEU A 187 -17.99 9.33 -2.96
C LEU A 187 -17.21 8.29 -2.18
N GLU A 188 -16.36 7.52 -2.86
CA GLU A 188 -15.52 6.52 -2.22
C GLU A 188 -14.19 6.51 -2.97
N SER A 189 -13.14 6.01 -2.32
CA SER A 189 -11.83 6.00 -2.94
C SER A 189 -10.89 5.08 -2.19
N VAL A 190 -10.16 4.24 -2.92
CA VAL A 190 -9.10 3.40 -2.37
C VAL A 190 -8.01 3.27 -3.42
N ARG A 191 -6.79 3.69 -3.09
CA ARG A 191 -5.69 3.72 -4.06
C ARG A 191 -6.14 4.40 -5.34
N SER A 192 -6.94 5.47 -5.21
CA SER A 192 -7.52 6.10 -6.39
C SER A 192 -6.48 6.81 -7.25
N GLU A 193 -5.31 7.11 -6.70
CA GLU A 193 -4.27 7.81 -7.43
C GLU A 193 -3.11 6.92 -7.87
N GLU A 194 -3.18 5.62 -7.60
CA GLU A 194 -2.09 4.73 -7.98
C GLU A 194 -2.35 4.15 -9.35
N ARG A 195 -1.27 3.86 -10.08
CA ARG A 195 -1.40 3.40 -11.45
C ARG A 195 -1.69 1.91 -11.50
N PHE A 196 -2.63 1.53 -12.36
CA PHE A 196 -3.00 0.15 -12.63
C PHE A 196 -3.04 -0.09 -14.14
N PRO A 197 -2.71 -1.30 -14.59
CA PRO A 197 -2.90 -1.61 -16.01
C PRO A 197 -4.35 -1.42 -16.44
N MET A 198 -4.53 -0.77 -17.59
CA MET A 198 -5.88 -0.52 -18.10
C MET A 198 -6.51 -1.79 -18.67
N MET A 199 -5.72 -2.59 -19.37
CA MET A 199 -6.26 -3.76 -20.07
C MET A 199 -7.26 -3.26 -21.11
N SER A 200 -8.33 -4.02 -21.36
CA SER A 200 -9.28 -3.69 -22.39
C SER A 200 -10.23 -2.56 -22.00
N THR A 201 -10.12 -2.04 -20.78
CA THR A 201 -10.97 -0.91 -20.41
C THR A 201 -10.63 0.34 -21.21
N PHE A 202 -9.48 0.37 -21.87
CA PHE A 202 -9.15 1.53 -22.71
C PHE A 202 -10.11 1.65 -23.87
N LYS A 203 -10.69 0.53 -24.32
CA LYS A 203 -11.55 0.53 -25.49
C LYS A 203 -12.69 1.53 -25.36
N VAL A 204 -13.13 1.80 -24.13
CA VAL A 204 -14.17 2.80 -23.92
C VAL A 204 -13.65 4.19 -24.25
N LEU A 205 -12.36 4.44 -23.99
CA LEU A 205 -11.76 5.70 -24.41
C LEU A 205 -11.62 5.77 -25.91
N LEU A 206 -11.18 4.66 -26.53
CA LEU A 206 -11.09 4.63 -27.99
C LEU A 206 -12.43 4.97 -28.62
N ALA A 207 -13.51 4.37 -28.13
CA ALA A 207 -14.84 4.68 -28.63
C ALA A 207 -15.13 6.18 -28.53
N GLY A 208 -14.65 6.81 -27.46
CA GLY A 208 -14.79 8.26 -27.36
C GLY A 208 -14.00 9.00 -28.41
N ALA A 209 -12.76 8.56 -28.65
CA ALA A 209 -11.94 9.22 -29.67
C ALA A 209 -12.57 9.10 -31.05
N ILE A 210 -13.14 7.94 -31.36
CA ILE A 210 -13.79 7.76 -32.65
C ILE A 210 -15.07 8.59 -32.70
N LEU A 211 -15.86 8.56 -31.63
CA LEU A 211 -17.09 9.33 -31.61
C LEU A 211 -16.82 10.82 -31.73
N SER A 212 -15.63 11.27 -31.31
CA SER A 212 -15.29 12.67 -31.49
C SER A 212 -14.99 12.99 -32.95
N ARG A 213 -14.38 12.04 -33.68
CA ARG A 213 -14.09 12.29 -35.08
C ARG A 213 -15.32 12.19 -35.94
N ILE A 214 -16.27 11.34 -35.55
CA ILE A 214 -17.56 11.29 -36.23
C ILE A 214 -18.36 12.55 -35.95
N ASP A 215 -18.24 13.11 -34.74
CA ASP A 215 -18.86 14.41 -34.48
C ASP A 215 -18.31 15.47 -35.41
N ALA A 216 -17.02 15.40 -35.73
CA ALA A 216 -16.39 16.38 -36.60
C ALA A 216 -16.62 16.11 -38.07
N GLY A 217 -17.24 14.99 -38.42
CA GLY A 217 -17.42 14.63 -39.81
C GLY A 217 -16.20 14.00 -40.44
N GLN A 218 -15.13 13.78 -39.68
CA GLN A 218 -13.91 13.17 -40.16
C GLN A 218 -13.99 11.65 -40.20
N GLU A 219 -15.17 11.08 -39.92
CA GLU A 219 -15.36 9.64 -39.86
C GLU A 219 -16.87 9.38 -39.89
N GLN A 220 -17.25 8.26 -40.47
CA GLN A 220 -18.65 7.91 -40.65
C GLN A 220 -18.94 6.54 -40.07
N LEU A 221 -20.02 6.43 -39.29
CA LEU A 221 -20.41 5.14 -38.74
C LEU A 221 -20.66 4.11 -39.84
N GLY A 222 -21.09 4.57 -41.01
CA GLY A 222 -21.38 3.67 -42.10
C GLY A 222 -20.15 3.23 -42.88
N ARG A 223 -19.03 3.92 -42.72
CA ARG A 223 -17.85 3.59 -43.51
C ARG A 223 -17.43 2.16 -43.25
N ARG A 224 -17.00 1.48 -44.31
CA ARG A 224 -16.63 0.08 -44.24
C ARG A 224 -15.12 -0.07 -44.32
N ILE A 225 -14.58 -0.94 -43.46
CA ILE A 225 -13.15 -1.18 -43.39
C ILE A 225 -12.91 -2.63 -43.75
N HIS A 226 -12.11 -2.86 -44.78
CA HIS A 226 -11.74 -4.20 -45.20
C HIS A 226 -10.39 -4.57 -44.59
N TYR A 227 -10.29 -5.79 -44.08
CA TYR A 227 -9.07 -6.27 -43.46
C TYR A 227 -8.78 -7.68 -43.97
N SER A 228 -7.81 -8.35 -43.37
CA SER A 228 -7.36 -9.64 -43.89
C SER A 228 -6.98 -10.54 -42.73
N GLN A 229 -6.71 -11.81 -43.06
CA GLN A 229 -6.31 -12.78 -42.05
C GLN A 229 -5.02 -12.35 -41.36
N ASN A 230 -4.21 -11.56 -42.06
CA ASN A 230 -2.98 -11.04 -41.48
C ASN A 230 -3.22 -10.09 -40.31
N ASP A 231 -4.43 -9.57 -40.17
CA ASP A 231 -4.73 -8.63 -39.10
C ASP A 231 -5.25 -9.29 -37.83
N LEU A 232 -5.95 -10.41 -37.94
CA LEU A 232 -6.57 -11.02 -36.77
C LEU A 232 -5.54 -11.33 -35.69
N VAL A 233 -5.93 -11.16 -34.43
CA VAL A 233 -5.08 -11.46 -33.29
C VAL A 233 -5.88 -12.25 -32.25
N GLU A 234 -5.33 -12.40 -31.05
CA GLU A 234 -6.04 -13.12 -30.00
C GLU A 234 -7.39 -12.46 -29.71
N TYR A 235 -8.37 -13.29 -29.37
CA TYR A 235 -9.70 -12.81 -29.00
C TYR A 235 -10.23 -11.82 -30.05
N SER A 236 -10.64 -12.39 -31.19
CA SER A 236 -11.23 -11.61 -32.28
C SER A 236 -12.48 -12.32 -32.77
N PRO A 237 -13.48 -12.49 -31.91
CA PRO A 237 -14.62 -13.32 -32.27
C PRO A 237 -15.51 -12.74 -33.36
N VAL A 238 -15.63 -11.42 -33.43
CA VAL A 238 -16.51 -10.80 -34.41
C VAL A 238 -15.79 -10.46 -35.71
N THR A 239 -14.50 -10.17 -35.65
CA THR A 239 -13.77 -9.78 -36.86
C THR A 239 -13.30 -10.98 -37.67
N GLU A 240 -13.21 -12.16 -37.06
CA GLU A 240 -12.81 -13.35 -37.80
C GLU A 240 -13.95 -13.94 -38.63
N LYS A 241 -15.18 -13.44 -38.49
CA LYS A 241 -16.30 -13.92 -39.29
C LYS A 241 -16.62 -13.02 -40.48
N HIS A 242 -15.96 -11.89 -40.61
CA HIS A 242 -16.17 -10.96 -41.72
C HIS A 242 -14.87 -10.70 -42.44
N LEU A 243 -14.09 -11.77 -42.62
CA LEU A 243 -12.77 -11.65 -43.22
C LEU A 243 -12.83 -11.01 -44.60
N THR A 244 -13.82 -11.38 -45.41
CA THR A 244 -13.90 -10.91 -46.79
C THR A 244 -14.85 -9.74 -46.98
N ASP A 245 -16.08 -9.84 -46.43
CA ASP A 245 -17.05 -8.78 -46.64
C ASP A 245 -16.68 -7.51 -45.88
N GLY A 246 -15.92 -7.63 -44.80
CA GLY A 246 -15.53 -6.48 -44.01
C GLY A 246 -16.57 -6.07 -43.00
N MET A 247 -16.27 -4.99 -42.28
CA MET A 247 -17.18 -4.46 -41.27
C MET A 247 -17.15 -2.94 -41.31
N THR A 248 -18.20 -2.33 -40.77
CA THR A 248 -18.29 -0.89 -40.71
C THR A 248 -17.66 -0.37 -39.43
N VAL A 249 -17.46 0.94 -39.38
CA VAL A 249 -16.88 1.57 -38.20
C VAL A 249 -17.77 1.32 -36.98
N ARG A 250 -19.07 1.47 -37.15
CA ARG A 250 -20.00 1.16 -36.07
C ARG A 250 -19.88 -0.30 -35.63
N GLU A 251 -19.96 -1.22 -36.60
CA GLU A 251 -19.87 -2.63 -36.26
C GLU A 251 -18.56 -2.93 -35.53
N LEU A 252 -17.45 -2.33 -36.00
CA LEU A 252 -16.18 -2.56 -35.36
C LEU A 252 -16.16 -2.01 -33.95
N ALA A 253 -16.76 -0.83 -33.76
CA ALA A 253 -16.83 -0.26 -32.42
C ALA A 253 -17.76 -1.07 -31.54
N SER A 254 -18.83 -1.63 -32.10
CA SER A 254 -19.70 -2.48 -31.30
C SER A 254 -18.96 -3.74 -30.85
N ALA A 255 -18.14 -4.32 -31.73
CA ALA A 255 -17.38 -5.50 -31.36
C ALA A 255 -16.31 -5.18 -30.33
N ALA A 256 -15.77 -3.96 -30.36
CA ALA A 256 -14.71 -3.60 -29.44
C ALA A 256 -15.23 -3.49 -28.00
N ILE A 257 -16.42 -2.94 -27.82
CA ILE A 257 -16.98 -2.74 -26.49
C ILE A 257 -17.75 -3.95 -26.01
N THR A 258 -18.70 -4.42 -26.82
CA THR A 258 -19.62 -5.46 -26.37
C THR A 258 -18.96 -6.84 -26.33
N MET A 259 -17.96 -7.07 -27.17
CA MET A 259 -17.25 -8.34 -27.22
C MET A 259 -15.75 -8.22 -26.95
N SER A 260 -15.25 -7.02 -26.69
CA SER A 260 -13.83 -6.81 -26.39
C SER A 260 -12.95 -7.28 -27.55
N ASP A 261 -13.47 -7.21 -28.77
CA ASP A 261 -12.76 -7.73 -29.94
C ASP A 261 -11.44 -6.98 -30.11
N ASN A 262 -10.34 -7.72 -29.99
CA ASN A 262 -9.01 -7.09 -30.04
C ASN A 262 -8.69 -6.57 -31.44
N THR A 263 -9.11 -7.27 -32.47
CA THR A 263 -8.83 -6.83 -33.84
C THR A 263 -9.60 -5.56 -34.18
N ALA A 264 -10.89 -5.52 -33.83
CA ALA A 264 -11.67 -4.32 -34.07
C ALA A 264 -11.06 -3.12 -33.36
N ALA A 265 -10.53 -3.33 -32.16
CA ALA A 265 -9.91 -2.24 -31.41
C ALA A 265 -8.66 -1.73 -32.11
N ASN A 266 -7.85 -2.63 -32.66
CA ASN A 266 -6.66 -2.20 -33.37
C ASN A 266 -7.01 -1.52 -34.69
N LEU A 267 -7.94 -2.12 -35.45
CA LEU A 267 -8.39 -1.49 -36.69
C LEU A 267 -8.81 -0.06 -36.43
N LEU A 268 -9.56 0.17 -35.36
CA LEU A 268 -10.00 1.53 -35.04
C LEU A 268 -8.86 2.39 -34.52
N LEU A 269 -7.86 1.77 -33.88
CA LEU A 269 -6.73 2.55 -33.41
C LEU A 269 -5.94 3.15 -34.57
N THR A 270 -5.87 2.43 -35.70
CA THR A 270 -5.12 2.93 -36.85
C THR A 270 -5.76 4.18 -37.44
N THR A 271 -7.08 4.34 -37.29
CA THR A 271 -7.75 5.51 -37.85
C THR A 271 -7.42 6.78 -37.10
N ILE A 272 -6.75 6.68 -35.94
CA ILE A 272 -6.40 7.85 -35.14
C ILE A 272 -4.90 7.85 -34.84
N GLY A 273 -4.15 6.97 -35.49
CA GLY A 273 -2.71 6.99 -35.35
C GLY A 273 -2.19 6.20 -34.17
N GLY A 274 -2.80 5.05 -33.90
CA GLY A 274 -2.29 4.12 -32.91
C GLY A 274 -2.33 4.66 -31.50
N PRO A 275 -1.70 3.94 -30.57
CA PRO A 275 -1.68 4.40 -29.18
C PRO A 275 -1.24 5.84 -29.01
N LYS A 276 -0.12 6.23 -29.62
CA LYS A 276 0.32 7.62 -29.57
C LYS A 276 -0.84 8.56 -29.91
N GLY A 277 -1.66 8.19 -30.90
CA GLY A 277 -2.76 9.04 -31.29
C GLY A 277 -3.83 9.14 -30.22
N LEU A 278 -4.17 8.00 -29.59
CA LEU A 278 -5.15 8.03 -28.53
C LEU A 278 -4.67 8.82 -27.32
N THR A 279 -3.38 8.70 -26.99
CA THR A 279 -2.85 9.43 -25.84
C THR A 279 -2.89 10.93 -26.07
N ALA A 280 -2.63 11.36 -27.31
CA ALA A 280 -2.77 12.77 -27.64
C ALA A 280 -4.19 13.25 -27.39
N PHE A 281 -5.19 12.46 -27.79
CA PHE A 281 -6.58 12.81 -27.52
C PHE A 281 -6.77 13.05 -26.02
N LEU A 282 -6.31 12.11 -25.20
CA LEU A 282 -6.51 12.20 -23.76
C LEU A 282 -5.86 13.45 -23.19
N HIS A 283 -4.61 13.72 -23.58
CA HIS A 283 -3.96 14.95 -23.15
C HIS A 283 -4.83 16.17 -23.48
N ASN A 284 -5.28 16.26 -24.73
CA ASN A 284 -6.01 17.46 -25.17
C ASN A 284 -7.37 17.60 -24.51
N MET A 285 -7.87 16.59 -23.80
CA MET A 285 -9.13 16.72 -23.08
C MET A 285 -8.93 16.79 -21.57
N GLY A 286 -7.69 16.78 -21.10
CA GLY A 286 -7.40 16.98 -19.69
C GLY A 286 -6.84 15.76 -18.97
N ASP A 287 -6.66 14.63 -19.65
CA ASP A 287 -6.17 13.41 -19.03
C ASP A 287 -4.68 13.29 -19.36
N HIS A 288 -3.83 13.79 -18.48
CA HIS A 288 -2.39 13.66 -18.62
C HIS A 288 -1.83 12.49 -17.79
N VAL A 289 -2.70 11.58 -17.37
CA VAL A 289 -2.33 10.40 -16.61
C VAL A 289 -2.49 9.13 -17.45
N THR A 290 -3.67 8.93 -18.01
CA THR A 290 -3.94 7.73 -18.78
C THR A 290 -3.05 7.71 -20.02
N ARG A 291 -2.57 6.53 -20.39
CA ARG A 291 -1.63 6.40 -21.50
C ARG A 291 -1.75 5.03 -22.13
N LEU A 292 -1.90 4.98 -23.45
CA LEU A 292 -1.85 3.75 -24.21
C LEU A 292 -0.56 3.75 -25.02
N ASP A 293 0.21 2.69 -24.90
CA ASP A 293 1.52 2.59 -25.53
C ASP A 293 1.60 1.48 -26.57
N ARG A 294 0.92 0.37 -26.35
CA ARG A 294 0.99 -0.80 -27.21
C ARG A 294 -0.38 -1.11 -27.78
N TRP A 295 -0.44 -2.13 -28.62
CA TRP A 295 -1.69 -2.59 -29.22
C TRP A 295 -2.18 -3.81 -28.45
N GLU A 296 -3.34 -4.32 -28.85
CA GLU A 296 -3.83 -5.59 -28.31
C GLU A 296 -3.00 -6.72 -28.93
N PRO A 297 -2.61 -7.72 -28.13
CA PRO A 297 -2.84 -7.93 -26.70
C PRO A 297 -1.64 -7.54 -25.81
N GLU A 298 -0.58 -7.01 -26.41
CA GLU A 298 0.64 -6.72 -25.65
C GLU A 298 0.39 -5.77 -24.49
N LEU A 299 -0.58 -4.87 -24.62
CA LEU A 299 -0.84 -3.90 -23.56
C LEU A 299 -1.25 -4.57 -22.24
N ASN A 300 -1.64 -5.85 -22.29
CA ASN A 300 -2.09 -6.57 -21.11
C ASN A 300 -0.95 -7.27 -20.38
N GLU A 301 0.30 -6.85 -20.59
CA GLU A 301 1.43 -7.58 -20.03
C GLU A 301 1.60 -7.32 -18.54
N ALA A 302 1.29 -6.10 -18.09
CA ALA A 302 1.23 -5.79 -16.65
C ALA A 302 2.55 -6.09 -15.94
N ILE A 303 3.67 -5.66 -16.54
CA ILE A 303 4.96 -5.82 -15.87
C ILE A 303 4.98 -4.96 -14.61
N PRO A 304 5.46 -5.46 -13.48
CA PRO A 304 5.52 -4.63 -12.26
C PRO A 304 6.34 -3.37 -12.49
N ASN A 305 5.79 -2.24 -12.05
CA ASN A 305 6.41 -0.92 -12.11
C ASN A 305 6.45 -0.36 -13.53
N ASP A 306 5.88 -1.06 -14.50
CA ASP A 306 5.83 -0.57 -15.87
C ASP A 306 4.64 0.37 -15.99
N GLU A 307 4.89 1.59 -16.45
CA GLU A 307 3.83 2.59 -16.60
C GLU A 307 3.17 2.55 -17.96
N ARG A 308 3.53 1.60 -18.82
CA ARG A 308 2.90 1.50 -20.12
C ARG A 308 1.47 0.97 -19.97
N ASP A 309 0.55 1.57 -20.71
CA ASP A 309 -0.82 1.08 -20.80
C ASP A 309 -1.48 1.06 -19.42
N THR A 310 -1.30 2.13 -18.66
CA THR A 310 -1.84 2.22 -17.30
C THR A 310 -2.69 3.46 -17.17
N THR A 311 -3.57 3.43 -16.17
CA THR A 311 -4.34 4.58 -15.75
C THR A 311 -4.34 4.61 -14.22
N THR A 312 -5.11 5.51 -13.64
CA THR A 312 -5.41 5.48 -12.22
C THR A 312 -6.93 5.47 -12.06
N PRO A 313 -7.44 4.89 -10.98
CA PRO A 313 -8.90 4.87 -10.81
C PRO A 313 -9.54 6.23 -10.96
N VAL A 314 -8.90 7.29 -10.44
CA VAL A 314 -9.51 8.61 -10.49
C VAL A 314 -9.40 9.19 -11.91
N ALA A 315 -8.28 8.97 -12.58
CA ALA A 315 -8.13 9.46 -13.95
C ALA A 315 -9.20 8.86 -14.86
N MET A 316 -9.22 7.53 -14.95
CA MET A 316 -10.21 6.85 -15.77
C MET A 316 -11.63 7.28 -15.41
N ALA A 317 -11.94 7.29 -14.11
CA ALA A 317 -13.30 7.58 -13.68
C ALA A 317 -13.76 8.96 -14.15
N THR A 318 -12.94 9.99 -13.94
CA THR A 318 -13.34 11.34 -14.35
C THR A 318 -13.38 11.44 -15.87
N THR A 319 -12.36 10.89 -16.55
CA THR A 319 -12.37 10.89 -18.01
C THR A 319 -13.63 10.24 -18.55
N LEU A 320 -13.99 9.07 -18.02
CA LEU A 320 -15.21 8.39 -18.46
C LEU A 320 -16.44 9.23 -18.17
N ARG A 321 -16.48 9.88 -17.01
CA ARG A 321 -17.61 10.73 -16.69
C ARG A 321 -17.71 11.90 -17.66
N LYS A 322 -16.57 12.46 -18.05
CA LYS A 322 -16.59 13.59 -18.98
C LYS A 322 -17.09 13.16 -20.35
N LEU A 323 -16.70 11.96 -20.80
CA LEU A 323 -17.20 11.45 -22.07
C LEU A 323 -18.70 11.21 -22.04
N LEU A 324 -19.23 10.73 -20.91
CA LEU A 324 -20.62 10.30 -20.86
C LEU A 324 -21.57 11.43 -20.48
N THR A 325 -21.09 12.43 -19.75
CA THR A 325 -21.94 13.52 -19.32
C THR A 325 -21.32 14.89 -19.54
N GLY A 326 -20.06 14.97 -19.99
CA GLY A 326 -19.42 16.24 -20.26
C GLY A 326 -19.87 16.87 -21.56
N GLU A 327 -18.98 17.69 -22.13
CA GLU A 327 -19.22 18.36 -23.41
C GLU A 327 -18.20 17.96 -24.47
N LEU A 328 -17.50 16.84 -24.27
CA LEU A 328 -16.53 16.38 -25.25
C LEU A 328 -17.20 15.75 -26.47
N LEU A 329 -18.41 15.22 -26.30
CA LEU A 329 -19.14 14.57 -27.38
C LEU A 329 -20.54 15.18 -27.47
N THR A 330 -21.13 15.08 -28.65
CA THR A 330 -22.49 15.53 -28.83
C THR A 330 -23.43 14.63 -28.05
N PRO A 331 -24.61 15.12 -27.67
CA PRO A 331 -25.56 14.26 -26.96
C PRO A 331 -25.77 12.90 -27.60
N ALA A 332 -25.84 12.85 -28.94
CA ALA A 332 -26.03 11.58 -29.62
C ALA A 332 -24.84 10.65 -29.38
N SER A 333 -23.62 11.19 -29.44
CA SER A 333 -22.43 10.35 -29.31
C SER A 333 -22.28 9.81 -27.90
N ARG A 334 -22.46 10.65 -26.88
CA ARG A 334 -22.32 10.17 -25.52
C ARG A 334 -23.40 9.15 -25.20
N GLN A 335 -24.58 9.28 -25.81
CA GLN A 335 -25.62 8.25 -25.67
C GLN A 335 -25.22 6.97 -26.38
N GLN A 336 -24.52 7.08 -27.52
CA GLN A 336 -24.11 5.90 -28.26
C GLN A 336 -23.04 5.13 -27.52
N LEU A 337 -22.15 5.84 -26.80
CA LEU A 337 -21.17 5.17 -25.97
C LEU A 337 -21.85 4.44 -24.81
N MET A 338 -22.83 5.10 -24.19
CA MET A 338 -23.56 4.45 -23.10
C MET A 338 -24.31 3.22 -23.60
N ASP A 339 -24.96 3.33 -24.76
CA ASP A 339 -25.71 2.20 -25.29
C ASP A 339 -24.78 1.05 -25.64
N TRP A 340 -23.63 1.34 -26.24
CA TRP A 340 -22.65 0.29 -26.51
C TRP A 340 -22.24 -0.40 -25.21
N MET A 341 -21.95 0.38 -24.18
CA MET A 341 -21.51 -0.20 -22.92
C MET A 341 -22.62 -0.98 -22.24
N GLU A 342 -23.86 -0.49 -22.33
CA GLU A 342 -24.97 -1.24 -21.75
C GLU A 342 -25.11 -2.62 -22.37
N ALA A 343 -24.71 -2.78 -23.62
CA ALA A 343 -24.79 -4.05 -24.32
C ALA A 343 -23.54 -4.89 -24.14
N ASP A 344 -22.72 -4.56 -23.14
CA ASP A 344 -21.55 -5.39 -22.85
C ASP A 344 -21.98 -6.83 -22.64
N LYS A 345 -21.22 -7.76 -23.24
CA LYS A 345 -21.53 -9.17 -23.15
C LYS A 345 -20.40 -9.99 -22.50
N VAL A 346 -19.29 -9.37 -22.13
CA VAL A 346 -18.15 -10.12 -21.58
C VAL A 346 -17.81 -9.62 -20.18
N ALA A 347 -18.81 -9.14 -19.44
CA ALA A 347 -18.64 -8.69 -18.06
C ALA A 347 -19.66 -9.35 -17.13
N GLY A 348 -20.12 -10.53 -17.48
CA GLY A 348 -21.18 -11.21 -16.77
C GLY A 348 -20.85 -11.60 -15.34
N PRO A 349 -19.68 -12.21 -15.12
CA PRO A 349 -19.30 -12.62 -13.77
C PRO A 349 -18.78 -11.51 -12.87
N LEU A 350 -18.91 -10.25 -13.30
CA LEU A 350 -18.43 -9.14 -12.50
C LEU A 350 -19.61 -8.43 -11.85
N LEU A 351 -19.78 -7.12 -12.12
CA LEU A 351 -20.84 -6.38 -11.46
C LEU A 351 -22.22 -6.87 -11.87
N ARG A 352 -22.36 -7.27 -13.14
CA ARG A 352 -23.66 -7.74 -13.62
C ARG A 352 -24.12 -8.98 -12.85
N SER A 353 -23.19 -9.76 -12.30
CA SER A 353 -23.54 -10.98 -11.59
C SER A 353 -24.17 -10.74 -10.23
N VAL A 354 -24.28 -9.48 -9.80
CA VAL A 354 -24.87 -9.15 -8.50
C VAL A 354 -25.82 -7.98 -8.68
N LEU A 355 -26.12 -7.63 -9.92
CA LEU A 355 -27.01 -6.50 -10.19
C LEU A 355 -28.46 -6.91 -9.93
N PRO A 356 -29.18 -6.23 -9.02
CA PRO A 356 -30.58 -6.59 -8.79
C PRO A 356 -31.48 -6.16 -9.94
N ALA A 357 -32.58 -6.88 -10.11
CA ALA A 357 -33.50 -6.59 -11.21
C ALA A 357 -33.97 -5.14 -11.12
N GLY A 358 -34.26 -4.57 -12.29
CA GLY A 358 -34.66 -3.17 -12.39
C GLY A 358 -33.52 -2.19 -12.52
N TRP A 359 -32.30 -2.59 -12.23
CA TRP A 359 -31.15 -1.69 -12.26
C TRP A 359 -30.56 -1.58 -13.65
N PHE A 360 -29.94 -0.44 -13.92
CA PHE A 360 -29.22 -0.18 -15.15
C PHE A 360 -27.72 -0.33 -14.90
N ILE A 361 -27.00 -0.89 -15.87
CA ILE A 361 -25.54 -0.89 -15.84
C ILE A 361 -25.00 -0.83 -17.26
N ALA A 362 -23.99 0.01 -17.45
CA ALA A 362 -23.22 0.08 -18.68
C ALA A 362 -21.76 0.00 -18.28
N ASP A 363 -21.03 -0.95 -18.84
CA ASP A 363 -19.70 -1.24 -18.34
C ASP A 363 -18.79 -1.74 -19.44
N LYS A 364 -17.51 -1.88 -19.09
CA LYS A 364 -16.51 -2.53 -19.93
C LYS A 364 -15.47 -3.11 -18.99
N SER A 365 -15.11 -4.37 -19.21
CA SER A 365 -14.20 -5.09 -18.33
C SER A 365 -12.83 -5.24 -19.00
N GLY A 366 -11.87 -5.73 -18.23
CA GLY A 366 -10.54 -5.96 -18.74
C GLY A 366 -9.89 -7.12 -18.01
N ALA A 367 -8.92 -7.73 -18.69
CA ALA A 367 -8.18 -8.84 -18.13
C ALA A 367 -6.77 -8.84 -18.70
N GLY A 368 -5.82 -9.29 -17.91
CA GLY A 368 -4.44 -9.28 -18.34
C GLY A 368 -3.58 -10.20 -17.51
N GLU A 369 -2.27 -10.15 -17.77
CA GLU A 369 -1.32 -11.03 -17.12
C GLU A 369 -1.19 -10.68 -15.64
N ARG A 370 -0.57 -11.59 -14.88
CA ARG A 370 -0.16 -11.33 -13.51
C ARG A 370 -1.36 -10.94 -12.63
N GLY A 371 -2.49 -11.57 -12.88
CA GLY A 371 -3.67 -11.37 -12.05
C GLY A 371 -4.32 -10.02 -12.22
N SER A 372 -4.28 -9.44 -13.41
CA SER A 372 -4.85 -8.13 -13.66
C SER A 372 -6.32 -8.27 -14.03
N ARG A 373 -7.17 -7.51 -13.37
CA ARG A 373 -8.61 -7.54 -13.61
C ARG A 373 -9.16 -6.17 -13.26
N GLY A 374 -10.07 -5.68 -14.09
CA GLY A 374 -10.65 -4.37 -13.85
C GLY A 374 -11.94 -4.18 -14.61
N ILE A 375 -12.72 -3.20 -14.17
CA ILE A 375 -13.97 -2.85 -14.83
C ILE A 375 -14.26 -1.38 -14.56
N VAL A 376 -14.82 -0.72 -15.57
CA VAL A 376 -15.39 0.61 -15.44
C VAL A 376 -16.87 0.46 -15.73
N ALA A 377 -17.69 1.26 -15.05
CA ALA A 377 -19.12 1.08 -15.21
C ALA A 377 -19.87 2.31 -14.70
N ALA A 378 -21.03 2.54 -15.30
CA ALA A 378 -22.04 3.45 -14.79
C ALA A 378 -23.28 2.61 -14.51
N LEU A 379 -23.90 2.80 -13.35
CA LEU A 379 -25.04 1.99 -12.98
C LEU A 379 -25.92 2.77 -12.02
N GLY A 380 -27.08 2.21 -11.72
CA GLY A 380 -28.02 2.84 -10.82
C GLY A 380 -29.35 2.14 -10.80
N PRO A 381 -30.18 2.47 -9.82
CA PRO A 381 -31.51 1.85 -9.73
C PRO A 381 -32.49 2.52 -10.67
N ASP A 382 -33.60 1.82 -10.91
CA ASP A 382 -34.75 2.38 -11.64
C ASP A 382 -34.39 2.71 -13.09
N GLY A 383 -33.60 1.85 -13.72
CA GLY A 383 -33.27 2.00 -15.12
C GLY A 383 -32.33 3.13 -15.47
N LYS A 384 -32.12 4.08 -14.57
CA LYS A 384 -31.20 5.18 -14.82
C LYS A 384 -29.92 5.01 -14.02
N PRO A 385 -28.75 5.22 -14.62
CA PRO A 385 -27.51 5.22 -13.85
C PRO A 385 -27.28 6.55 -13.18
N SER A 386 -26.75 6.50 -11.95
CA SER A 386 -26.52 7.70 -11.16
C SER A 386 -25.16 7.70 -10.51
N ARG A 387 -24.24 6.85 -10.96
CA ARG A 387 -23.00 6.68 -10.25
C ARG A 387 -22.02 5.93 -11.14
N ILE A 388 -20.75 6.31 -11.09
CA ILE A 388 -19.69 5.65 -11.85
C ILE A 388 -18.77 4.95 -10.88
N VAL A 389 -18.31 3.75 -11.26
CA VAL A 389 -17.40 2.96 -10.46
C VAL A 389 -16.25 2.49 -11.33
N VAL A 390 -15.04 2.55 -10.80
CA VAL A 390 -13.84 2.07 -11.49
C VAL A 390 -13.07 1.20 -10.51
N ILE A 391 -12.77 -0.02 -10.93
CA ILE A 391 -12.09 -1.00 -10.09
C ILE A 391 -10.95 -1.59 -10.89
N TYR A 392 -9.77 -1.66 -10.27
CA TYR A 392 -8.60 -2.28 -10.87
C TYR A 392 -7.87 -3.08 -9.81
N THR A 393 -7.20 -4.15 -10.23
CA THR A 393 -6.28 -4.89 -9.38
C THR A 393 -5.19 -5.48 -10.26
N THR A 394 -4.02 -5.69 -9.67
CA THR A 394 -2.92 -6.31 -10.39
C THR A 394 -1.95 -6.91 -9.38
N GLY A 395 -1.23 -7.95 -9.81
CA GLY A 395 -0.23 -8.59 -9.00
C GLY A 395 -0.66 -9.89 -8.35
N SER A 396 -1.94 -10.03 -8.03
CA SER A 396 -2.42 -11.25 -7.40
C SER A 396 -2.06 -12.46 -8.25
N GLN A 397 -1.78 -13.57 -7.56
CA GLN A 397 -1.60 -14.86 -8.21
C GLN A 397 -2.78 -15.78 -7.96
N ALA A 398 -3.93 -15.22 -7.57
CA ALA A 398 -5.14 -16.01 -7.42
C ALA A 398 -5.72 -16.35 -8.79
N THR A 399 -6.54 -17.40 -8.81
CA THR A 399 -7.15 -17.84 -10.06
C THR A 399 -8.13 -16.81 -10.57
N MET A 400 -8.42 -16.89 -11.87
CA MET A 400 -9.37 -15.96 -12.47
C MET A 400 -10.77 -16.10 -11.88
N ASP A 401 -11.12 -17.27 -11.34
CA ASP A 401 -12.37 -17.39 -10.61
C ASP A 401 -12.37 -16.48 -9.39
N ILE A 402 -11.29 -16.53 -8.60
CA ILE A 402 -11.18 -15.72 -7.40
C ILE A 402 -11.21 -14.24 -7.75
N LEU A 403 -10.47 -13.83 -8.78
CA LEU A 403 -10.50 -12.43 -9.20
C LEU A 403 -11.92 -12.01 -9.60
N ASN A 404 -12.57 -12.81 -10.44
CA ASN A 404 -13.94 -12.48 -10.85
C ASN A 404 -14.85 -12.36 -9.64
N GLU A 405 -14.76 -13.30 -8.71
CA GLU A 405 -15.52 -13.17 -7.47
C GLU A 405 -15.15 -11.90 -6.71
N ALA A 406 -13.89 -11.47 -6.79
CA ALA A 406 -13.45 -10.27 -6.07
C ALA A 406 -14.20 -9.03 -6.56
N ILE A 407 -14.26 -8.83 -7.88
CA ILE A 407 -14.98 -7.69 -8.42
C ILE A 407 -16.45 -7.75 -8.02
N ALA A 408 -17.05 -8.94 -8.08
CA ALA A 408 -18.48 -9.08 -7.78
C ALA A 408 -18.79 -8.68 -6.34
N MET A 409 -17.91 -9.03 -5.39
CA MET A 409 -18.15 -8.66 -4.00
C MET A 409 -17.97 -7.17 -3.80
N LEU A 410 -17.05 -6.56 -4.53
CA LEU A 410 -16.95 -5.10 -4.51
C LEU A 410 -18.21 -4.48 -5.07
N GLY A 411 -18.73 -5.02 -6.17
CA GLY A 411 -19.98 -4.53 -6.73
C GLY A 411 -21.12 -4.63 -5.75
N ARG A 412 -21.29 -5.80 -5.14
CA ARG A 412 -22.31 -5.98 -4.12
C ARG A 412 -22.19 -4.93 -3.03
N ALA A 413 -20.96 -4.61 -2.61
CA ALA A 413 -20.75 -3.66 -1.53
C ALA A 413 -21.18 -2.25 -1.93
N MET A 414 -20.90 -1.83 -3.17
CA MET A 414 -21.43 -0.56 -3.63
C MET A 414 -22.94 -0.59 -3.72
N ILE A 415 -23.50 -1.57 -4.42
CA ILE A 415 -24.93 -1.60 -4.69
C ILE A 415 -25.72 -1.65 -3.39
N GLU A 416 -25.27 -2.44 -2.43
CA GLU A 416 -25.97 -2.58 -1.16
C GLU A 416 -25.91 -1.29 -0.36
N LYS A 417 -27.04 -0.95 0.27
CA LYS A 417 -27.16 0.30 1.02
C LYS A 417 -26.85 1.50 0.13
N TRP A 418 -27.29 1.41 -1.12
CA TRP A 418 -27.08 2.44 -2.11
C TRP A 418 -27.28 3.85 -1.53
N SER B 12 21.47 -44.00 0.69
CA SER B 12 22.63 -44.89 0.72
C SER B 12 22.22 -46.31 0.31
N ASP B 13 23.08 -47.29 0.61
CA ASP B 13 22.83 -48.70 0.29
C ASP B 13 22.56 -48.80 -1.20
N LEU B 14 21.43 -49.35 -1.65
CA LEU B 14 21.16 -49.45 -3.07
C LEU B 14 20.66 -48.12 -3.65
N GLY B 15 19.94 -47.34 -2.85
CA GLY B 15 19.36 -46.11 -3.35
C GLY B 15 20.31 -44.93 -3.36
N ARG B 16 21.42 -45.05 -4.08
CA ARG B 16 22.32 -43.91 -4.26
C ARG B 16 21.93 -43.05 -5.46
N LYS B 17 21.52 -43.69 -6.56
CA LYS B 17 21.13 -42.92 -7.74
C LYS B 17 20.00 -41.93 -7.45
N LEU B 18 19.10 -42.27 -6.51
CA LEU B 18 17.99 -41.37 -6.25
C LEU B 18 18.49 -40.05 -5.69
N LEU B 19 19.53 -40.09 -4.85
CA LEU B 19 20.18 -38.86 -4.42
C LEU B 19 20.83 -38.16 -5.61
N GLU B 20 21.56 -38.92 -6.44
CA GLU B 20 22.26 -38.34 -7.58
C GLU B 20 21.28 -37.83 -8.64
N ALA B 21 20.26 -38.62 -8.96
CA ALA B 21 19.30 -38.19 -9.97
C ALA B 21 18.60 -36.90 -9.55
N ALA B 22 18.46 -36.68 -8.25
CA ALA B 22 17.95 -35.42 -7.77
C ALA B 22 18.97 -34.30 -7.96
N ARG B 23 20.23 -34.58 -7.64
CA ARG B 23 21.28 -33.57 -7.80
C ARG B 23 21.52 -33.25 -9.27
N ALA B 24 21.59 -34.28 -10.11
CA ALA B 24 21.93 -34.12 -11.51
C ALA B 24 20.76 -33.67 -12.38
N GLY B 25 19.59 -33.46 -11.79
CA GLY B 25 18.46 -33.00 -12.59
C GLY B 25 17.92 -34.02 -13.56
N GLN B 26 18.39 -35.27 -13.49
CA GLN B 26 17.92 -36.31 -14.40
C GLN B 26 16.48 -36.64 -14.01
N ASP B 27 15.56 -35.79 -14.48
CA ASP B 27 14.15 -35.94 -14.11
C ASP B 27 13.48 -37.04 -14.90
N ASP B 28 13.90 -37.27 -16.15
CA ASP B 28 13.43 -38.43 -16.89
C ASP B 28 14.04 -39.71 -16.32
N GLU B 29 15.31 -39.66 -15.93
CA GLU B 29 15.97 -40.83 -15.37
C GLU B 29 15.47 -41.13 -13.96
N VAL B 30 15.16 -40.10 -13.17
CA VAL B 30 14.64 -40.33 -11.82
C VAL B 30 13.34 -41.13 -11.91
N ARG B 31 12.56 -40.94 -12.97
CA ARG B 31 11.30 -41.68 -13.08
C ARG B 31 11.57 -43.18 -13.11
N ILE B 32 12.68 -43.60 -13.72
CA ILE B 32 13.12 -44.98 -13.54
C ILE B 32 13.33 -45.25 -12.06
N LEU B 33 13.99 -44.32 -11.37
CA LEU B 33 14.23 -44.42 -9.94
C LEU B 33 12.95 -44.26 -9.12
N MET B 34 11.86 -43.80 -9.72
CA MET B 34 10.59 -43.76 -9.00
C MET B 34 10.02 -45.17 -8.87
N ALA B 35 10.03 -45.94 -9.95
CA ALA B 35 9.53 -47.31 -9.93
C ALA B 35 10.53 -48.26 -9.27
N ASN B 36 10.97 -47.92 -8.06
CA ASN B 36 11.99 -48.69 -7.36
C ASN B 36 11.42 -49.60 -6.28
N GLY B 37 10.38 -49.15 -5.58
CA GLY B 37 10.13 -49.65 -4.24
C GLY B 37 11.27 -49.36 -3.30
N ALA B 38 12.04 -48.31 -3.59
CA ALA B 38 13.15 -47.84 -2.76
C ALA B 38 12.66 -46.73 -1.84
N ASP B 39 13.51 -46.38 -0.87
CA ASP B 39 13.15 -45.41 0.16
C ASP B 39 13.47 -44.00 -0.35
N VAL B 40 12.45 -43.14 -0.42
CA VAL B 40 12.64 -41.75 -0.81
C VAL B 40 13.38 -40.94 0.24
N ASN B 41 13.54 -41.47 1.45
CA ASN B 41 14.23 -40.78 2.54
C ASN B 41 15.56 -41.50 2.77
N ALA B 42 16.61 -41.02 2.10
CA ALA B 42 17.94 -41.57 2.27
C ALA B 42 18.36 -41.50 3.74
N ALA B 43 19.47 -42.18 4.04
CA ALA B 43 20.02 -42.21 5.38
C ALA B 43 21.55 -42.35 5.30
N ASP B 44 22.18 -41.44 4.57
CA ASP B 44 23.63 -41.45 4.41
C ASP B 44 24.29 -40.80 5.63
N ASN B 45 25.58 -40.51 5.52
CA ASN B 45 26.33 -39.97 6.66
C ASN B 45 25.84 -38.57 7.01
N THR B 46 25.93 -37.64 6.07
CA THR B 46 25.59 -36.25 6.35
C THR B 46 24.12 -36.05 6.68
N GLY B 47 23.28 -37.06 6.47
CA GLY B 47 21.86 -36.89 6.67
C GLY B 47 21.12 -36.33 5.48
N THR B 48 21.75 -36.32 4.30
CA THR B 48 21.16 -35.75 3.12
C THR B 48 20.16 -36.71 2.48
N THR B 49 19.02 -36.17 2.08
CA THR B 49 17.97 -36.89 1.39
C THR B 49 17.88 -36.42 -0.06
N PRO B 50 17.17 -37.15 -0.91
CA PRO B 50 16.98 -36.66 -2.29
C PRO B 50 16.35 -35.27 -2.35
N LEU B 51 15.48 -34.95 -1.39
CA LEU B 51 14.86 -33.62 -1.40
C LEU B 51 15.86 -32.53 -1.06
N HIS B 52 16.82 -32.82 -0.17
CA HIS B 52 17.91 -31.88 0.07
C HIS B 52 18.60 -31.52 -1.24
N LEU B 53 19.06 -32.53 -1.99
CA LEU B 53 19.78 -32.27 -3.22
C LEU B 53 18.86 -31.71 -4.30
N ALA B 54 17.61 -32.19 -4.36
CA ALA B 54 16.68 -31.70 -5.36
C ALA B 54 16.38 -30.21 -5.17
N ALA B 55 16.21 -29.78 -3.93
CA ALA B 55 15.96 -28.37 -3.65
C ALA B 55 17.23 -27.53 -3.75
N TYR B 56 18.37 -28.12 -3.43
CA TYR B 56 19.64 -27.39 -3.52
C TYR B 56 19.99 -27.09 -4.98
N SER B 57 19.94 -28.11 -5.84
CA SER B 57 20.30 -27.94 -7.25
C SER B 57 19.22 -27.23 -8.05
N GLY B 58 17.99 -27.18 -7.55
CA GLY B 58 16.96 -26.36 -8.16
C GLY B 58 16.12 -27.01 -9.24
N HIS B 59 15.76 -28.27 -9.05
CA HIS B 59 14.96 -29.01 -10.02
C HIS B 59 13.52 -29.08 -9.52
N LEU B 60 12.68 -28.19 -10.05
CA LEU B 60 11.29 -28.11 -9.61
C LEU B 60 10.56 -29.44 -9.81
N GLU B 61 10.69 -30.01 -11.01
CA GLU B 61 9.95 -31.24 -11.33
C GLU B 61 10.35 -32.37 -10.38
N ILE B 62 11.65 -32.55 -10.14
CA ILE B 62 12.09 -33.61 -9.25
C ILE B 62 11.67 -33.31 -7.81
N VAL B 63 11.72 -32.04 -7.41
CA VAL B 63 11.26 -31.66 -6.08
C VAL B 63 9.79 -32.00 -5.91
N GLU B 64 8.97 -31.69 -6.92
CA GLU B 64 7.55 -32.03 -6.86
C GLU B 64 7.37 -33.53 -6.58
N VAL B 65 7.85 -34.37 -7.49
CA VAL B 65 7.57 -35.81 -7.40
C VAL B 65 8.17 -36.43 -6.15
N LEU B 66 9.32 -35.92 -5.69
CA LEU B 66 9.97 -36.52 -4.52
C LEU B 66 9.08 -36.39 -3.29
N LEU B 67 8.52 -35.21 -3.05
CA LEU B 67 7.60 -35.03 -1.94
C LEU B 67 6.22 -35.58 -2.29
N LYS B 68 5.88 -35.58 -3.58
CA LYS B 68 4.64 -36.18 -4.04
C LYS B 68 4.48 -37.59 -3.49
N HIS B 69 5.56 -38.37 -3.48
CA HIS B 69 5.55 -39.74 -2.99
C HIS B 69 6.12 -39.85 -1.58
N GLY B 70 5.88 -38.84 -0.74
CA GLY B 70 6.16 -38.93 0.69
C GLY B 70 7.61 -38.81 1.08
N ALA B 71 8.32 -37.83 0.53
CA ALA B 71 9.66 -37.50 1.00
C ALA B 71 9.57 -36.57 2.22
N ASP B 72 10.46 -36.77 3.18
CA ASP B 72 10.46 -35.97 4.39
C ASP B 72 10.77 -34.51 4.09
N VAL B 73 9.76 -33.64 4.26
CA VAL B 73 9.92 -32.23 3.90
C VAL B 73 10.84 -31.51 4.87
N ASP B 74 10.76 -31.85 6.16
CA ASP B 74 11.58 -31.20 7.19
C ASP B 74 12.80 -32.02 7.56
N ALA B 75 13.30 -32.83 6.64
CA ALA B 75 14.51 -33.58 6.91
C ALA B 75 15.66 -32.61 7.24
N SER B 76 16.33 -32.86 8.35
CA SER B 76 17.43 -32.02 8.81
C SER B 76 18.72 -32.83 8.78
N ASP B 77 19.73 -32.29 8.10
CA ASP B 77 21.01 -32.97 7.97
C ASP B 77 21.85 -32.72 9.22
N VAL B 78 23.13 -33.08 9.16
CA VAL B 78 24.01 -32.99 10.32
C VAL B 78 24.38 -31.56 10.68
N PHE B 79 24.06 -30.59 9.83
CA PHE B 79 24.29 -29.18 10.12
C PHE B 79 23.01 -28.40 10.36
N GLY B 80 21.87 -29.08 10.46
CA GLY B 80 20.61 -28.41 10.67
C GLY B 80 19.95 -27.88 9.42
N TYR B 81 20.48 -28.19 8.23
CA TYR B 81 19.90 -27.68 7.00
C TYR B 81 18.63 -28.46 6.66
N THR B 82 17.56 -27.74 6.50
CA THR B 82 16.32 -28.24 5.93
C THR B 82 16.34 -28.00 4.41
N PRO B 83 15.68 -28.84 3.60
CA PRO B 83 15.59 -28.52 2.16
C PRO B 83 15.11 -27.10 1.92
N LEU B 84 14.39 -26.55 2.90
CA LEU B 84 13.98 -25.15 2.84
C LEU B 84 15.18 -24.21 2.90
N HIS B 85 16.15 -24.51 3.77
CA HIS B 85 17.39 -23.74 3.79
C HIS B 85 18.04 -23.70 2.42
N LEU B 86 18.27 -24.88 1.82
CA LEU B 86 19.01 -24.95 0.56
C LEU B 86 18.25 -24.24 -0.56
N ALA B 87 16.94 -24.41 -0.61
CA ALA B 87 16.15 -23.75 -1.65
C ALA B 87 16.25 -22.23 -1.54
N ALA B 88 16.17 -21.72 -0.31
CA ALA B 88 16.26 -20.27 -0.10
C ALA B 88 17.68 -19.76 -0.34
N TYR B 89 18.69 -20.59 -0.12
CA TYR B 89 20.07 -20.15 -0.30
C TYR B 89 20.36 -19.78 -1.75
N TRP B 90 19.81 -20.54 -2.70
CA TRP B 90 20.08 -20.30 -4.11
C TRP B 90 18.94 -19.58 -4.84
N GLY B 91 17.86 -19.24 -4.14
CA GLY B 91 16.80 -18.45 -4.73
C GLY B 91 15.75 -19.23 -5.47
N HIS B 92 15.67 -20.54 -5.26
CA HIS B 92 14.67 -21.34 -5.94
C HIS B 92 13.30 -21.10 -5.32
N LEU B 93 12.59 -20.08 -5.81
CA LEU B 93 11.32 -19.67 -5.22
C LEU B 93 10.28 -20.79 -5.28
N GLU B 94 10.03 -21.33 -6.47
CA GLU B 94 8.99 -22.34 -6.62
C GLU B 94 9.24 -23.52 -5.69
N ILE B 95 10.51 -23.89 -5.52
CA ILE B 95 10.84 -24.97 -4.60
C ILE B 95 10.57 -24.55 -3.17
N VAL B 96 10.93 -23.31 -2.81
CA VAL B 96 10.56 -22.77 -1.51
C VAL B 96 9.04 -22.75 -1.37
N GLU B 97 8.34 -22.30 -2.41
CA GLU B 97 6.88 -22.20 -2.33
C GLU B 97 6.27 -23.59 -2.14
N VAL B 98 6.73 -24.57 -2.90
CA VAL B 98 6.22 -25.93 -2.76
C VAL B 98 6.60 -26.49 -1.40
N LEU B 99 7.84 -26.28 -0.96
CA LEU B 99 8.26 -26.80 0.34
C LEU B 99 7.40 -26.26 1.46
N LEU B 100 7.11 -24.96 1.45
CA LEU B 100 6.25 -24.39 2.49
C LEU B 100 4.81 -24.87 2.34
N LYS B 101 4.35 -25.05 1.10
CA LYS B 101 2.99 -25.52 0.90
C LYS B 101 2.78 -26.91 1.49
N ASN B 102 3.86 -27.68 1.67
CA ASN B 102 3.79 -28.99 2.27
C ASN B 102 4.10 -28.97 3.76
N GLY B 103 3.91 -27.83 4.42
CA GLY B 103 4.06 -27.75 5.86
C GLY B 103 5.50 -27.78 6.34
N ALA B 104 6.40 -27.13 5.61
CA ALA B 104 7.78 -27.03 6.06
C ALA B 104 7.87 -26.11 7.26
N ASP B 105 8.93 -26.30 8.05
CA ASP B 105 9.16 -25.47 9.23
C ASP B 105 9.82 -24.18 8.76
N VAL B 106 9.04 -23.11 8.66
CA VAL B 106 9.54 -21.86 8.13
C VAL B 106 10.66 -21.29 8.99
N ASN B 107 10.62 -21.52 10.29
CA ASN B 107 11.61 -20.97 11.22
C ASN B 107 12.61 -22.01 11.66
N ALA B 108 12.99 -22.93 10.77
CA ALA B 108 14.02 -23.90 11.08
C ALA B 108 15.36 -23.20 11.19
N MET B 109 16.12 -23.54 12.23
CA MET B 109 17.40 -22.89 12.51
C MET B 109 18.53 -23.87 12.25
N ASP B 110 19.56 -23.41 11.54
CA ASP B 110 20.70 -24.25 11.22
C ASP B 110 21.81 -24.05 12.24
N SER B 111 22.97 -24.68 12.00
CA SER B 111 24.10 -24.61 12.92
C SER B 111 24.39 -23.18 13.36
N ASP B 112 24.51 -22.26 12.41
CA ASP B 112 24.92 -20.90 12.70
C ASP B 112 23.79 -20.02 13.19
N GLY B 113 22.62 -20.58 13.45
CA GLY B 113 21.48 -19.79 13.89
C GLY B 113 20.67 -19.17 12.77
N MET B 114 20.99 -19.47 11.51
CA MET B 114 20.32 -18.91 10.36
C MET B 114 18.98 -19.60 10.12
N THR B 115 17.88 -18.84 10.17
CA THR B 115 16.62 -19.32 9.62
C THR B 115 16.64 -19.11 8.10
N PRO B 116 15.75 -19.77 7.36
CA PRO B 116 15.70 -19.50 5.91
C PRO B 116 15.38 -18.05 5.57
N LEU B 117 14.77 -17.30 6.49
CA LEU B 117 14.56 -15.87 6.22
C LEU B 117 15.88 -15.11 6.22
N HIS B 118 16.81 -15.48 7.11
CA HIS B 118 18.16 -14.92 7.04
C HIS B 118 18.77 -15.11 5.66
N LEU B 119 18.62 -16.31 5.10
CA LEU B 119 19.24 -16.61 3.80
C LEU B 119 18.63 -15.77 2.68
N ALA B 120 17.29 -15.70 2.63
CA ALA B 120 16.66 -14.94 1.56
C ALA B 120 16.97 -13.45 1.69
N ALA B 121 17.01 -12.94 2.92
CA ALA B 121 17.32 -11.53 3.12
C ALA B 121 18.78 -11.23 2.78
N LYS B 122 19.69 -12.13 3.15
CA LYS B 122 21.10 -11.90 2.89
C LYS B 122 21.40 -11.90 1.40
N TRP B 123 20.81 -12.85 0.66
CA TRP B 123 21.15 -13.06 -0.74
C TRP B 123 20.20 -12.37 -1.70
N GLY B 124 19.37 -11.45 -1.22
CA GLY B 124 18.64 -10.55 -2.08
C GLY B 124 17.48 -11.15 -2.84
N TYR B 125 16.87 -12.21 -2.31
CA TYR B 125 15.73 -12.85 -2.95
C TYR B 125 14.46 -12.20 -2.44
N LYS B 126 14.09 -11.08 -3.07
CA LYS B 126 12.96 -10.29 -2.58
C LYS B 126 11.66 -11.08 -2.55
N GLU B 127 11.52 -12.07 -3.45
CA GLU B 127 10.28 -12.82 -3.52
C GLU B 127 10.21 -13.90 -2.45
N ILE B 128 11.33 -14.60 -2.20
CA ILE B 128 11.34 -15.62 -1.17
C ILE B 128 11.13 -14.98 0.20
N VAL B 129 11.71 -13.81 0.43
CA VAL B 129 11.49 -13.10 1.67
C VAL B 129 10.00 -12.83 1.85
N GLU B 130 9.35 -12.31 0.80
CA GLU B 130 7.93 -12.01 0.87
C GLU B 130 7.11 -13.26 1.19
N VAL B 131 7.51 -14.41 0.67
CA VAL B 131 6.80 -15.65 0.92
C VAL B 131 7.10 -16.17 2.32
N LEU B 132 8.37 -16.15 2.72
CA LEU B 132 8.72 -16.61 4.07
C LEU B 132 8.00 -15.78 5.13
N LEU B 133 7.98 -14.46 4.97
CA LEU B 133 7.29 -13.62 5.94
C LEU B 133 5.82 -14.00 6.03
N LYS B 134 5.15 -14.06 4.88
CA LYS B 134 3.72 -14.40 4.86
C LYS B 134 3.49 -15.83 5.32
N ALA B 135 4.48 -16.72 5.12
CA ALA B 135 4.42 -18.05 5.69
C ALA B 135 4.70 -18.04 7.20
N GLY B 136 4.97 -16.88 7.78
CA GLY B 136 5.17 -16.77 9.20
C GLY B 136 6.61 -16.88 9.66
N ALA B 137 7.57 -16.51 8.81
CA ALA B 137 8.97 -16.51 9.23
C ALA B 137 9.14 -15.53 10.39
N ASP B 138 9.98 -15.92 11.36
CA ASP B 138 10.24 -15.08 12.52
C ASP B 138 11.18 -13.96 12.12
N VAL B 139 10.66 -12.73 12.08
CA VAL B 139 11.46 -11.58 11.65
C VAL B 139 12.43 -11.11 12.73
N ASP B 140 12.34 -11.65 13.94
CA ASP B 140 13.23 -11.29 15.04
C ASP B 140 14.29 -12.36 15.30
N ALA B 141 14.37 -13.38 14.46
CA ALA B 141 15.34 -14.44 14.65
C ALA B 141 16.75 -13.88 14.64
N GLN B 142 17.58 -14.34 15.58
CA GLN B 142 18.97 -13.94 15.68
C GLN B 142 19.86 -15.12 15.36
N ASP B 143 20.93 -14.88 14.62
CA ASP B 143 21.89 -15.92 14.32
C ASP B 143 22.91 -15.99 15.45
N LYS B 144 24.11 -16.51 15.18
CA LYS B 144 25.11 -16.61 16.25
C LYS B 144 25.70 -15.26 16.61
N PHE B 145 25.65 -14.26 15.72
CA PHE B 145 26.09 -12.91 16.03
C PHE B 145 24.97 -12.01 16.51
N GLY B 146 23.80 -12.56 16.86
CA GLY B 146 22.68 -11.74 17.25
C GLY B 146 21.95 -11.05 16.11
N LYS B 147 22.45 -11.17 14.88
CA LYS B 147 21.89 -10.45 13.73
C LYS B 147 20.52 -11.01 13.35
N ARG B 148 19.64 -10.12 12.90
CA ARG B 148 18.35 -10.46 12.34
C ARG B 148 18.42 -10.41 10.83
N PRO B 149 17.42 -10.96 10.14
CA PRO B 149 17.45 -10.91 8.67
C PRO B 149 17.68 -9.50 8.13
N LEU B 150 17.11 -8.49 8.80
CA LEU B 150 17.31 -7.10 8.36
C LEU B 150 18.79 -6.74 8.36
N TRP B 151 19.50 -7.06 9.45
CA TRP B 151 20.93 -6.74 9.52
C TRP B 151 21.69 -7.31 8.33
N LEU B 152 21.41 -8.58 8.00
CA LEU B 152 22.06 -9.19 6.84
C LEU B 152 21.63 -8.51 5.55
N ALA B 153 20.39 -8.04 5.47
CA ALA B 153 19.95 -7.31 4.29
C ALA B 153 20.70 -6.00 4.17
N ALA B 154 20.77 -5.24 5.25
CA ALA B 154 21.49 -3.97 5.24
C ALA B 154 22.96 -4.18 4.90
N ASP B 155 23.58 -5.21 5.48
CA ASP B 155 24.98 -5.49 5.19
C ASP B 155 25.22 -5.69 3.70
N GLN B 156 24.26 -6.30 3.00
CA GLN B 156 24.38 -6.58 1.58
C GLN B 156 23.74 -5.51 0.71
N GLY B 157 23.41 -4.35 1.27
CA GLY B 157 22.88 -3.25 0.49
C GLY B 157 21.56 -3.55 -0.20
N HIS B 158 20.71 -4.37 0.40
CA HIS B 158 19.40 -4.71 -0.15
C HIS B 158 18.36 -3.83 0.54
N ALA B 159 18.20 -2.61 0.01
CA ALA B 159 17.37 -1.61 0.67
C ALA B 159 15.90 -1.99 0.63
N GLU B 160 15.42 -2.40 -0.54
CA GLU B 160 14.01 -2.75 -0.68
C GLU B 160 13.64 -3.91 0.24
N ILE B 161 14.45 -4.97 0.22
CA ILE B 161 14.22 -6.10 1.13
C ILE B 161 14.25 -5.63 2.58
N ALA B 162 15.22 -4.77 2.92
CA ALA B 162 15.25 -4.22 4.28
C ALA B 162 13.94 -3.50 4.59
N ALA B 163 13.49 -2.64 3.67
CA ALA B 163 12.25 -1.90 3.90
C ALA B 163 11.08 -2.85 4.23
N LYS B 164 10.99 -3.98 3.52
CA LYS B 164 9.95 -4.95 3.85
C LYS B 164 10.16 -5.53 5.24
N LEU B 165 11.42 -5.77 5.62
CA LEU B 165 11.68 -6.38 6.93
C LEU B 165 11.35 -5.41 8.07
N VAL B 166 11.65 -4.12 7.90
CA VAL B 166 11.27 -3.18 8.97
C VAL B 166 9.77 -3.00 8.97
N ALA B 167 9.14 -2.98 7.79
CA ALA B 167 7.69 -2.91 7.72
C ALA B 167 7.04 -4.08 8.47
N ALA B 168 7.53 -5.30 8.21
CA ALA B 168 7.00 -6.46 8.91
C ALA B 168 7.18 -6.32 10.42
N ARG B 169 8.40 -6.02 10.86
CA ARG B 169 8.69 -5.93 12.28
C ARG B 169 7.94 -4.77 12.93
N LEU B 170 7.89 -3.61 12.26
CA LEU B 170 7.11 -2.48 12.77
C LEU B 170 5.61 -2.68 12.63
N LYS B 171 5.16 -3.66 11.84
CA LYS B 171 3.75 -3.81 11.53
C LYS B 171 3.16 -2.50 11.03
N ALA B 172 3.84 -1.88 10.06
CA ALA B 172 3.44 -0.58 9.56
C ALA B 172 3.98 -0.40 8.14
N ARG B 173 3.29 0.46 7.39
CA ARG B 173 3.72 0.77 6.03
C ARG B 173 5.05 1.51 6.05
N VAL B 174 5.92 1.17 5.10
CA VAL B 174 7.19 1.87 4.92
C VAL B 174 7.26 2.35 3.48
N GLY B 175 7.41 3.66 3.31
CA GLY B 175 7.62 4.25 2.00
C GLY B 175 9.10 4.55 1.80
N TYR B 176 9.60 4.23 0.61
CA TYR B 176 11.02 4.37 0.33
C TYR B 176 11.18 4.63 -1.17
N ILE B 177 12.09 5.54 -1.51
CA ILE B 177 12.44 5.79 -2.91
C ILE B 177 13.86 6.32 -2.95
N GLU B 178 14.55 6.03 -4.04
CA GLU B 178 15.93 6.45 -4.26
C GLU B 178 16.05 7.07 -5.65
N LEU B 179 16.57 8.29 -5.72
CA LEU B 179 16.75 9.01 -6.97
C LEU B 179 18.23 9.30 -7.22
N ASP B 180 18.63 9.19 -8.48
CA ASP B 180 19.89 9.78 -8.90
C ASP B 180 19.76 11.29 -8.90
N LEU B 181 20.73 11.97 -8.28
CA LEU B 181 20.60 13.40 -8.05
C LEU B 181 20.64 14.19 -9.35
N ASN B 182 21.39 13.72 -10.35
CA ASN B 182 21.56 14.48 -11.58
C ASN B 182 20.50 14.15 -12.63
N SER B 183 20.27 12.86 -12.89
CA SER B 183 19.34 12.47 -13.94
C SER B 183 17.89 12.52 -13.49
N GLY B 184 17.61 12.11 -12.25
CA GLY B 184 16.25 11.88 -11.82
C GLY B 184 15.83 10.43 -11.93
N LYS B 185 16.70 9.58 -12.45
CA LYS B 185 16.43 8.15 -12.55
C LYS B 185 16.05 7.57 -11.18
N ILE B 186 14.94 6.84 -11.14
CA ILE B 186 14.53 6.16 -9.93
C ILE B 186 15.38 4.91 -9.78
N LEU B 187 16.10 4.82 -8.65
CA LEU B 187 16.99 3.69 -8.41
C LEU B 187 16.35 2.64 -7.51
N GLU B 188 15.55 3.08 -6.53
CA GLU B 188 14.79 2.17 -5.68
C GLU B 188 13.46 2.83 -5.35
N SER B 189 12.48 2.00 -5.01
CA SER B 189 11.14 2.50 -4.70
C SER B 189 10.32 1.44 -3.99
N VAL B 190 9.65 1.82 -2.91
CA VAL B 190 8.73 0.93 -2.18
C VAL B 190 7.57 1.77 -1.69
N ARG B 191 6.35 1.38 -2.07
CA ARG B 191 5.15 2.15 -1.75
C ARG B 191 5.36 3.62 -2.10
N SER B 192 6.03 3.86 -3.23
CA SER B 192 6.38 5.21 -3.63
C SER B 192 5.16 6.03 -4.07
N GLU B 193 4.05 5.37 -4.40
CA GLU B 193 2.84 6.06 -4.82
C GLU B 193 1.82 6.17 -3.71
N GLU B 194 2.15 5.71 -2.51
CA GLU B 194 1.27 5.78 -1.36
C GLU B 194 1.54 7.04 -0.54
N ARG B 195 0.50 7.56 0.09
CA ARG B 195 0.63 8.79 0.85
C ARG B 195 1.13 8.51 2.26
N PHE B 196 2.06 9.34 2.72
CA PHE B 196 2.57 9.27 4.08
C PHE B 196 2.54 10.66 4.69
N PRO B 197 2.30 10.76 6.00
CA PRO B 197 2.40 12.07 6.66
C PRO B 197 3.79 12.67 6.48
N MET B 198 3.82 13.96 6.12
CA MET B 198 5.10 14.62 5.91
C MET B 198 5.80 14.92 7.24
N MET B 199 5.04 15.34 8.24
CA MET B 199 5.63 15.76 9.52
C MET B 199 6.51 16.98 9.22
N SER B 200 7.61 17.15 9.95
CA SER B 200 8.42 18.34 9.80
C SER B 200 9.25 18.35 8.51
N THR B 201 9.20 17.29 7.71
CA THR B 201 9.93 17.29 6.45
C THR B 201 9.38 18.28 5.44
N PHE B 202 8.18 18.82 5.66
CA PHE B 202 7.64 19.85 4.76
C PHE B 202 8.49 21.11 4.81
N LYS B 203 9.17 21.36 5.93
CA LYS B 203 9.92 22.59 6.10
C LYS B 203 10.93 22.79 4.98
N VAL B 204 11.42 21.71 4.38
CA VAL B 204 12.32 21.86 3.23
C VAL B 204 11.54 22.40 2.04
N LEU B 205 10.26 22.06 1.92
CA LEU B 205 9.44 22.64 0.87
C LEU B 205 9.19 24.12 1.15
N LEU B 206 8.86 24.45 2.39
CA LEU B 206 8.65 25.84 2.78
C LEU B 206 9.87 26.69 2.44
N ALA B 207 11.06 26.20 2.77
CA ALA B 207 12.29 26.90 2.42
C ALA B 207 12.38 27.16 0.92
N GLY B 208 11.89 26.22 0.11
CA GLY B 208 11.84 26.45 -1.32
C GLY B 208 10.89 27.56 -1.69
N ALA B 209 9.72 27.61 -1.05
CA ALA B 209 8.76 28.67 -1.32
C ALA B 209 9.33 30.04 -0.98
N ILE B 210 10.07 30.13 0.11
CA ILE B 210 10.67 31.40 0.51
C ILE B 210 11.80 31.78 -0.45
N LEU B 211 12.68 30.82 -0.75
CA LEU B 211 13.81 31.12 -1.63
C LEU B 211 13.36 31.53 -3.02
N SER B 212 12.21 31.02 -3.46
CA SER B 212 11.69 31.43 -4.76
C SER B 212 11.11 32.84 -4.70
N ARG B 213 10.55 33.23 -3.55
CA ARG B 213 10.00 34.57 -3.39
C ARG B 213 11.09 35.61 -3.17
N ILE B 214 12.20 35.23 -2.52
CA ILE B 214 13.34 36.15 -2.44
C ILE B 214 13.96 36.28 -3.82
N ASP B 215 13.95 35.21 -4.61
CA ASP B 215 14.39 35.30 -6.00
C ASP B 215 13.54 36.32 -6.76
N ALA B 216 12.24 36.38 -6.47
CA ALA B 216 11.33 37.29 -7.15
C ALA B 216 11.35 38.69 -6.58
N GLY B 217 12.07 38.93 -5.48
CA GLY B 217 12.06 40.22 -4.84
C GLY B 217 10.88 40.48 -3.94
N GLN B 218 9.94 39.55 -3.84
CA GLN B 218 8.79 39.70 -2.98
C GLN B 218 9.11 39.42 -1.51
N GLU B 219 10.38 39.18 -1.19
CA GLU B 219 10.80 38.96 0.19
C GLU B 219 12.30 39.23 0.29
N GLN B 220 12.73 39.68 1.46
CA GLN B 220 14.11 40.09 1.69
C GLN B 220 14.68 39.30 2.85
N LEU B 221 15.90 38.79 2.67
CA LEU B 221 16.57 38.05 3.74
C LEU B 221 16.73 38.88 5.00
N GLY B 222 16.84 40.21 4.86
CA GLY B 222 17.07 41.07 6.01
C GLY B 222 15.83 41.43 6.80
N ARG B 223 14.65 41.25 6.23
CA ARG B 223 13.42 41.69 6.89
C ARG B 223 13.24 40.97 8.23
N ARG B 224 12.77 41.72 9.23
CA ARG B 224 12.62 41.22 10.59
C ARG B 224 11.14 41.05 10.93
N ILE B 225 10.83 39.96 11.62
CA ILE B 225 9.46 39.63 12.04
C ILE B 225 9.43 39.59 13.57
N HIS B 226 8.57 40.41 14.16
CA HIS B 226 8.36 40.41 15.60
C HIS B 226 7.16 39.55 15.97
N TYR B 227 7.32 38.74 17.01
CA TYR B 227 6.25 37.87 17.49
C TYR B 227 6.21 37.96 19.01
N SER B 228 5.35 37.15 19.63
CA SER B 228 5.12 37.23 21.05
C SER B 228 4.75 35.86 21.60
N GLN B 229 4.65 35.77 22.93
CA GLN B 229 4.18 34.54 23.56
C GLN B 229 2.77 34.18 23.11
N ASN B 230 1.99 35.15 22.64
CA ASN B 230 0.67 34.83 22.11
C ASN B 230 0.78 33.87 20.92
N ASP B 231 1.96 33.78 20.32
CA ASP B 231 2.21 32.83 19.24
C ASP B 231 2.74 31.53 19.81
N LEU B 232 1.99 30.94 20.74
CA LEU B 232 2.47 29.78 21.47
C LEU B 232 2.62 28.58 20.54
N VAL B 233 3.75 27.90 20.64
CA VAL B 233 4.03 26.72 19.81
C VAL B 233 5.00 25.80 20.53
N GLU B 234 4.60 24.55 20.74
CA GLU B 234 5.49 23.60 21.37
C GLU B 234 6.77 23.45 20.56
N TYR B 235 7.86 23.16 21.27
CA TYR B 235 9.16 23.05 20.63
C TYR B 235 9.45 24.28 19.79
N SER B 236 10.17 25.24 20.37
CA SER B 236 10.52 26.47 19.69
C SER B 236 11.87 26.95 20.21
N PRO B 237 12.93 26.16 19.99
CA PRO B 237 14.21 26.48 20.66
C PRO B 237 14.86 27.75 20.17
N VAL B 238 14.71 28.11 18.89
CA VAL B 238 15.40 29.28 18.37
C VAL B 238 14.56 30.55 18.55
N THR B 239 13.23 30.42 18.50
CA THR B 239 12.36 31.57 18.66
C THR B 239 12.03 31.87 20.12
N GLU B 240 12.18 30.89 21.02
CA GLU B 240 11.96 31.16 22.44
C GLU B 240 13.13 31.90 23.07
N LYS B 241 14.26 32.01 22.37
CA LYS B 241 15.39 32.81 22.82
C LYS B 241 15.43 34.15 22.11
N HIS B 242 14.32 34.53 21.48
CA HIS B 242 14.13 35.85 20.89
C HIS B 242 12.70 36.30 21.14
N LEU B 243 12.25 36.18 22.39
CA LEU B 243 10.85 36.45 22.72
C LEU B 243 10.41 37.83 22.25
N THR B 244 11.30 38.82 22.37
CA THR B 244 10.94 40.22 22.17
C THR B 244 11.62 40.85 20.96
N ASP B 245 12.93 40.65 20.81
CA ASP B 245 13.67 41.32 19.74
C ASP B 245 13.29 40.82 18.35
N GLY B 246 12.80 39.59 18.24
CA GLY B 246 12.40 39.06 16.95
C GLY B 246 13.56 38.45 16.17
N MET B 247 13.24 38.00 14.96
CA MET B 247 14.22 37.37 14.08
C MET B 247 14.00 37.82 12.64
N THR B 248 15.05 37.67 11.84
CA THR B 248 15.01 38.02 10.43
C THR B 248 14.55 36.84 9.59
N VAL B 249 14.25 37.11 8.32
CA VAL B 249 13.83 36.06 7.40
C VAL B 249 14.92 35.00 7.27
N ARG B 250 16.16 35.45 7.09
CA ARG B 250 17.27 34.51 7.02
C ARG B 250 17.35 33.66 8.27
N GLU B 251 17.33 34.31 9.45
CA GLU B 251 17.43 33.59 10.71
C GLU B 251 16.28 32.60 10.88
N LEU B 252 15.07 32.99 10.46
CA LEU B 252 13.92 32.10 10.61
C LEU B 252 14.05 30.87 9.72
N ALA B 253 14.59 31.02 8.51
CA ALA B 253 14.76 29.87 7.63
C ALA B 253 15.78 28.88 8.17
N SER B 254 16.83 29.37 8.85
CA SER B 254 17.79 28.46 9.46
C SER B 254 17.16 27.67 10.60
N ALA B 255 16.30 28.33 11.39
CA ALA B 255 15.65 27.63 12.50
C ALA B 255 14.68 26.57 12.01
N ALA B 256 14.06 26.78 10.85
CA ALA B 256 13.10 25.81 10.35
C ALA B 256 13.78 24.53 9.89
N ILE B 257 14.92 24.64 9.21
CA ILE B 257 15.60 23.45 8.69
C ILE B 257 16.60 22.90 9.69
N THR B 258 17.52 23.74 10.18
CA THR B 258 18.64 23.23 10.94
C THR B 258 18.23 22.80 12.34
N MET B 259 17.19 23.42 12.90
CA MET B 259 16.71 23.07 14.21
C MET B 259 15.24 22.65 14.21
N SER B 260 14.58 22.61 13.05
CA SER B 260 13.18 22.18 12.94
C SER B 260 12.23 23.06 13.75
N ASP B 261 12.59 24.32 13.96
CA ASP B 261 11.83 25.20 14.83
C ASP B 261 10.39 25.35 14.34
N ASN B 262 9.43 24.92 15.16
CA ASN B 262 8.03 24.97 14.76
C ASN B 262 7.53 26.40 14.64
N THR B 263 8.05 27.32 15.45
CA THR B 263 7.63 28.72 15.35
C THR B 263 8.09 29.33 14.03
N ALA B 264 9.37 29.14 13.70
CA ALA B 264 9.89 29.65 12.43
C ALA B 264 9.12 29.08 11.25
N ALA B 265 8.73 27.81 11.33
CA ALA B 265 7.98 27.19 10.24
C ALA B 265 6.61 27.84 10.09
N ASN B 266 5.95 28.15 11.20
CA ASN B 266 4.66 28.82 11.12
C ASN B 266 4.83 30.27 10.69
N LEU B 267 5.79 30.98 11.30
CA LEU B 267 6.08 32.35 10.89
C LEU B 267 6.32 32.44 9.39
N LEU B 268 7.09 31.50 8.84
CA LEU B 268 7.41 31.54 7.41
C LEU B 268 6.21 31.13 6.56
N LEU B 269 5.30 30.31 7.09
CA LEU B 269 4.11 29.95 6.33
C LEU B 269 3.21 31.15 6.11
N THR B 270 3.11 32.04 7.10
CA THR B 270 2.23 33.19 6.95
C THR B 270 2.69 34.11 5.83
N THR B 271 3.99 34.13 5.53
CA THR B 271 4.50 34.96 4.45
C THR B 271 4.11 34.43 3.08
N ILE B 272 3.53 33.23 3.01
CA ILE B 272 3.10 32.65 1.74
C ILE B 272 1.63 32.25 1.84
N GLY B 273 0.96 32.62 2.93
CA GLY B 273 -0.45 32.38 3.08
C GLY B 273 -0.81 31.01 3.62
N GLY B 274 -0.04 30.54 4.59
CA GLY B 274 -0.36 29.32 5.30
C GLY B 274 -0.30 28.08 4.43
N PRO B 275 -0.76 26.95 4.97
CA PRO B 275 -0.74 25.69 4.22
C PRO B 275 -1.36 25.79 2.83
N LYS B 276 -2.53 26.45 2.72
CA LYS B 276 -3.15 26.63 1.41
C LYS B 276 -2.18 27.29 0.44
N GLY B 277 -1.39 28.23 0.93
CA GLY B 277 -0.43 28.91 0.06
C GLY B 277 0.76 28.04 -0.31
N LEU B 278 1.27 27.26 0.65
CA LEU B 278 2.38 26.37 0.35
C LEU B 278 1.98 25.32 -0.67
N THR B 279 0.75 24.81 -0.57
CA THR B 279 0.29 23.82 -1.53
C THR B 279 0.14 24.45 -2.91
N ALA B 280 -0.32 25.69 -2.98
CA ALA B 280 -0.39 26.39 -4.25
C ALA B 280 0.98 26.47 -4.91
N PHE B 281 2.01 26.80 -4.12
CA PHE B 281 3.37 26.86 -4.66
C PHE B 281 3.77 25.51 -5.24
N LEU B 282 3.52 24.42 -4.49
CA LEU B 282 3.89 23.09 -4.97
C LEU B 282 3.20 22.76 -6.27
N HIS B 283 1.88 22.96 -6.34
CA HIS B 283 1.16 22.71 -7.58
C HIS B 283 1.70 23.58 -8.70
N ASN B 284 2.05 24.83 -8.40
CA ASN B 284 2.53 25.75 -9.42
C ASN B 284 3.90 25.35 -9.99
N MET B 285 4.58 24.40 -9.38
CA MET B 285 5.85 23.90 -9.90
C MET B 285 5.77 22.48 -10.42
N GLY B 286 4.58 21.88 -10.44
CA GLY B 286 4.38 20.56 -11.03
C GLY B 286 4.01 19.47 -10.04
N ASP B 287 3.87 19.80 -8.76
CA ASP B 287 3.56 18.81 -7.72
C ASP B 287 2.07 18.89 -7.42
N HIS B 288 1.31 18.00 -8.07
CA HIS B 288 -0.13 17.90 -7.83
C HIS B 288 -0.46 16.80 -6.82
N VAL B 289 0.53 16.33 -6.06
CA VAL B 289 0.34 15.28 -5.06
C VAL B 289 0.50 15.84 -3.65
N THR B 290 1.63 16.48 -3.36
CA THR B 290 1.91 16.96 -2.02
C THR B 290 0.93 18.05 -1.60
N ARG B 291 0.57 18.05 -0.32
CA ARG B 291 -0.42 18.97 0.21
C ARG B 291 -0.18 19.20 1.69
N LEU B 292 -0.14 20.47 2.09
CA LEU B 292 -0.12 20.86 3.49
C LEU B 292 -1.47 21.49 3.84
N ASP B 293 -2.08 20.99 4.91
CA ASP B 293 -3.42 21.43 5.31
C ASP B 293 -3.45 22.15 6.63
N ARG B 294 -2.64 21.75 7.60
CA ARG B 294 -2.66 22.32 8.94
C ARG B 294 -1.30 22.94 9.27
N TRP B 295 -1.22 23.54 10.45
CA TRP B 295 0.00 24.13 10.95
C TRP B 295 0.68 23.18 11.94
N GLU B 296 1.85 23.59 12.43
CA GLU B 296 2.53 22.87 13.48
C GLU B 296 1.82 23.09 14.82
N PRO B 297 1.64 22.05 15.64
CA PRO B 297 2.01 20.63 15.46
C PRO B 297 0.86 19.75 14.98
N GLU B 298 -0.31 20.35 14.71
CA GLU B 298 -1.49 19.56 14.38
C GLU B 298 -1.26 18.70 13.14
N LEU B 299 -0.42 19.16 12.20
CA LEU B 299 -0.15 18.38 11.01
C LEU B 299 0.52 17.04 11.33
N ASN B 300 1.07 16.90 12.54
CA ASN B 300 1.75 15.68 12.94
C ASN B 300 0.81 14.66 13.57
N GLU B 301 -0.50 14.78 13.30
CA GLU B 301 -1.47 13.90 13.96
C GLU B 301 -1.50 12.52 13.31
N ALA B 302 -1.32 12.44 11.99
CA ALA B 302 -1.15 11.18 11.28
C ALA B 302 -2.32 10.23 11.57
N ILE B 303 -3.53 10.75 11.42
CA ILE B 303 -4.73 9.93 11.65
C ILE B 303 -4.77 8.83 10.61
N PRO B 304 -5.12 7.59 10.96
CA PRO B 304 -5.20 6.54 9.95
C PRO B 304 -6.15 6.93 8.84
N ASN B 305 -5.71 6.74 7.59
CA ASN B 305 -6.48 7.01 6.39
C ASN B 305 -6.65 8.51 6.09
N ASP B 306 -6.05 9.40 6.86
CA ASP B 306 -6.16 10.82 6.61
C ASP B 306 -5.11 11.27 5.60
N GLU B 307 -5.56 11.94 4.54
CA GLU B 307 -4.68 12.46 3.50
C GLU B 307 -4.21 13.89 3.78
N ARG B 308 -4.55 14.46 4.93
CA ARG B 308 -4.09 15.79 5.28
C ARG B 308 -2.60 15.80 5.62
N ASP B 309 -1.90 16.82 5.13
CA ASP B 309 -0.49 17.01 5.46
C ASP B 309 0.34 15.79 5.05
N THR B 310 0.09 15.28 3.85
CA THR B 310 0.75 14.08 3.36
C THR B 310 1.45 14.36 2.04
N THR B 311 2.41 13.51 1.73
CA THR B 311 3.07 13.48 0.43
C THR B 311 3.20 12.01 0.03
N THR B 312 3.89 11.77 -1.08
CA THR B 312 4.29 10.42 -1.44
C THR B 312 5.81 10.41 -1.61
N PRO B 313 6.46 9.26 -1.39
CA PRO B 313 7.92 9.22 -1.59
C PRO B 313 8.36 9.76 -2.93
N VAL B 314 7.61 9.46 -4.01
CA VAL B 314 8.00 9.91 -5.33
C VAL B 314 7.74 11.39 -5.49
N ALA B 315 6.64 11.89 -4.93
CA ALA B 315 6.33 13.32 -4.98
C ALA B 315 7.43 14.13 -4.32
N MET B 316 7.67 13.85 -3.03
CA MET B 316 8.71 14.56 -2.29
C MET B 316 10.07 14.44 -2.97
N ALA B 317 10.44 13.23 -3.40
CA ALA B 317 11.78 13.02 -3.94
C ALA B 317 12.01 13.87 -5.18
N THR B 318 11.06 13.86 -6.12
CA THR B 318 11.24 14.61 -7.36
C THR B 318 11.16 16.11 -7.12
N THR B 319 10.19 16.56 -6.31
CA THR B 319 10.10 17.97 -5.97
C THR B 319 11.40 18.45 -5.33
N LEU B 320 11.96 17.65 -4.41
CA LEU B 320 13.21 18.03 -3.76
C LEU B 320 14.35 18.17 -4.77
N ARG B 321 14.41 17.26 -5.74
CA ARG B 321 15.46 17.34 -6.75
C ARG B 321 15.30 18.61 -7.58
N LYS B 322 14.06 18.97 -7.90
CA LYS B 322 13.81 20.16 -8.71
C LYS B 322 14.21 21.43 -7.95
N LEU B 323 13.98 21.46 -6.65
CA LEU B 323 14.42 22.60 -5.85
C LEU B 323 15.94 22.72 -5.84
N LEU B 324 16.63 21.58 -5.82
CA LEU B 324 18.07 21.57 -5.63
C LEU B 324 18.87 21.57 -6.94
N THR B 325 18.30 21.08 -8.05
CA THR B 325 19.03 21.01 -9.31
C THR B 325 18.26 21.48 -10.53
N GLY B 326 16.96 21.75 -10.42
CA GLY B 326 16.19 22.26 -11.54
C GLY B 326 16.47 23.71 -11.80
N GLU B 327 15.47 24.41 -12.33
CA GLU B 327 15.54 25.86 -12.53
C GLU B 327 14.46 26.56 -11.71
N LEU B 328 13.86 25.86 -10.75
CA LEU B 328 12.86 26.46 -9.88
C LEU B 328 13.47 27.55 -9.00
N LEU B 329 14.77 27.45 -8.74
CA LEU B 329 15.48 28.43 -7.93
C LEU B 329 16.78 28.80 -8.64
N THR B 330 17.29 29.99 -8.33
CA THR B 330 18.55 30.42 -8.88
C THR B 330 19.69 29.59 -8.27
N PRO B 331 20.82 29.48 -8.97
CA PRO B 331 21.97 28.74 -8.40
C PRO B 331 22.29 29.15 -6.98
N ALA B 332 22.23 30.44 -6.67
CA ALA B 332 22.48 30.90 -5.29
C ALA B 332 21.42 30.39 -4.34
N SER B 333 20.15 30.40 -4.76
CA SER B 333 19.06 30.00 -3.89
C SER B 333 19.09 28.50 -3.60
N ARG B 334 19.14 27.69 -4.65
CA ARG B 334 19.22 26.24 -4.46
C ARG B 334 20.44 25.84 -3.65
N GLN B 335 21.48 26.66 -3.65
CA GLN B 335 22.67 26.36 -2.86
C GLN B 335 22.43 26.64 -1.38
N GLN B 336 21.68 27.69 -1.06
CA GLN B 336 21.44 27.98 0.34
C GLN B 336 20.55 26.92 0.98
N LEU B 337 19.59 26.39 0.23
CA LEU B 337 18.77 25.30 0.75
C LEU B 337 19.63 24.07 1.03
N MET B 338 20.58 23.78 0.15
CA MET B 338 21.51 22.68 0.39
C MET B 338 22.34 22.93 1.64
N ASP B 339 22.84 24.16 1.81
CA ASP B 339 23.65 24.47 2.99
C ASP B 339 22.82 24.40 4.27
N TRP B 340 21.59 24.91 4.23
CA TRP B 340 20.71 24.79 5.39
C TRP B 340 20.52 23.34 5.79
N MET B 341 20.21 22.48 4.82
CA MET B 341 19.94 21.08 5.12
C MET B 341 21.21 20.37 5.58
N GLU B 342 22.36 20.73 5.01
CA GLU B 342 23.62 20.15 5.47
C GLU B 342 23.87 20.45 6.93
N ALA B 343 23.36 21.57 7.43
CA ALA B 343 23.53 21.97 8.81
C ALA B 343 22.41 21.45 9.72
N ASP B 344 21.65 20.46 9.28
CA ASP B 344 20.63 19.86 10.14
C ASP B 344 21.29 19.36 11.43
N LYS B 345 20.65 19.64 12.56
CA LYS B 345 21.17 19.27 13.86
C LYS B 345 20.26 18.33 14.63
N VAL B 346 19.09 17.99 14.08
CA VAL B 346 18.12 17.15 14.79
C VAL B 346 17.80 15.90 13.98
N ALA B 347 18.76 15.42 13.20
CA ALA B 347 18.61 14.19 12.42
C ALA B 347 19.77 13.24 12.69
N GLY B 348 20.34 13.32 13.89
CA GLY B 348 21.55 12.60 14.23
C GLY B 348 21.45 11.09 14.26
N PRO B 349 20.42 10.55 14.92
CA PRO B 349 20.31 9.08 15.04
C PRO B 349 19.75 8.37 13.82
N LEU B 350 19.60 9.06 12.69
CA LEU B 350 19.05 8.47 11.48
C LEU B 350 20.16 8.20 10.48
N LEU B 351 20.09 8.79 9.28
CA LEU B 351 21.09 8.50 8.26
C LEU B 351 22.47 8.98 8.68
N ARG B 352 22.55 10.10 9.39
CA ARG B 352 23.85 10.59 9.83
C ARG B 352 24.53 9.61 10.75
N SER B 353 23.77 8.77 11.45
CA SER B 353 24.33 7.82 12.40
C SER B 353 24.99 6.62 11.72
N VAL B 354 24.93 6.52 10.40
CA VAL B 354 25.53 5.40 9.69
C VAL B 354 26.28 5.91 8.46
N LEU B 355 26.41 7.23 8.35
CA LEU B 355 27.09 7.82 7.20
C LEU B 355 28.59 7.68 7.37
N PRO B 356 29.30 7.04 6.45
CA PRO B 356 30.76 6.94 6.60
C PRO B 356 31.44 8.28 6.38
N ALA B 357 32.57 8.46 7.06
CA ALA B 357 33.30 9.71 7.01
C ALA B 357 33.67 10.07 5.57
N GLY B 358 33.78 11.38 5.32
CA GLY B 358 34.05 11.89 4.00
C GLY B 358 32.80 12.15 3.18
N TRP B 359 31.66 11.62 3.60
CA TRP B 359 30.43 11.75 2.85
C TRP B 359 29.73 13.07 3.15
N PHE B 360 28.95 13.53 2.18
CA PHE B 360 28.11 14.70 2.33
C PHE B 360 26.68 14.22 2.58
N ILE B 361 25.97 14.93 3.46
CA ILE B 361 24.55 14.67 3.65
C ILE B 361 23.87 15.99 4.02
N ALA B 362 22.76 16.25 3.35
CA ALA B 362 21.87 17.36 3.69
C ALA B 362 20.48 16.77 3.79
N ASP B 363 19.82 16.95 4.94
CA ASP B 363 18.60 16.20 5.21
C ASP B 363 17.67 17.00 6.10
N LYS B 364 16.47 16.45 6.28
CA LYS B 364 15.49 16.99 7.22
C LYS B 364 14.63 15.82 7.68
N SER B 365 14.45 15.69 8.99
CA SER B 365 13.71 14.59 9.58
C SER B 365 12.35 15.07 10.08
N GLY B 366 11.50 14.10 10.42
CA GLY B 366 10.17 14.40 10.96
C GLY B 366 9.73 13.31 11.90
N ALA B 367 8.81 13.68 12.80
CA ALA B 367 8.24 12.74 13.74
C ALA B 367 6.80 13.16 14.07
N GLY B 368 5.96 12.18 14.33
CA GLY B 368 4.56 12.46 14.59
C GLY B 368 3.89 11.30 15.30
N GLU B 369 2.58 11.42 15.45
CA GLU B 369 1.80 10.45 16.20
C GLU B 369 1.74 9.10 15.48
N ARG B 370 1.32 8.09 16.24
CA ARG B 370 1.09 6.74 15.71
C ARG B 370 2.33 6.20 15.00
N GLY B 371 3.47 6.28 15.68
CA GLY B 371 4.70 5.70 15.16
C GLY B 371 5.13 6.28 13.83
N SER B 372 4.88 7.56 13.60
CA SER B 372 5.22 8.21 12.34
C SER B 372 6.65 8.75 12.41
N ARG B 373 7.44 8.42 11.38
CA ARG B 373 8.83 8.83 11.29
C ARG B 373 9.21 8.91 9.82
N GLY B 374 9.96 9.94 9.45
CA GLY B 374 10.39 10.09 8.07
C GLY B 374 11.56 11.02 7.95
N ILE B 375 12.27 10.91 6.83
CA ILE B 375 13.42 11.76 6.54
C ILE B 375 13.60 11.84 5.03
N VAL B 376 13.94 13.04 4.56
CA VAL B 376 14.39 13.27 3.19
C VAL B 376 15.82 13.76 3.26
N ALA B 377 16.61 13.43 2.24
CA ALA B 377 18.03 13.77 2.29
C ALA B 377 18.63 13.71 0.90
N ALA B 378 19.65 14.53 0.69
CA ALA B 378 20.55 14.41 -0.44
C ALA B 378 21.93 14.10 0.10
N LEU B 379 22.59 13.09 -0.47
CA LEU B 379 23.88 12.66 0.04
C LEU B 379 24.67 11.98 -1.05
N GLY B 380 25.92 11.67 -0.73
CA GLY B 380 26.83 11.02 -1.65
C GLY B 380 28.23 10.97 -1.08
N PRO B 381 29.08 10.13 -1.67
CA PRO B 381 30.45 10.00 -1.19
C PRO B 381 31.34 11.14 -1.66
N ASP B 382 32.48 11.28 -0.97
CA ASP B 382 33.55 12.19 -1.39
C ASP B 382 33.08 13.64 -1.35
N GLY B 383 32.31 13.99 -0.32
CA GLY B 383 31.88 15.36 -0.16
C GLY B 383 30.84 15.83 -1.15
N LYS B 384 30.58 15.06 -2.23
CA LYS B 384 29.63 15.45 -3.25
C LYS B 384 28.35 14.64 -3.08
N PRO B 385 27.17 15.26 -3.11
CA PRO B 385 25.94 14.46 -3.15
C PRO B 385 25.62 14.00 -4.56
N SER B 386 25.17 12.75 -4.67
CA SER B 386 24.84 12.18 -5.96
C SER B 386 23.54 11.38 -5.93
N ARG B 387 22.72 11.58 -4.89
CA ARG B 387 21.56 10.73 -4.68
C ARG B 387 20.64 11.39 -3.67
N ILE B 388 19.33 11.26 -3.89
CA ILE B 388 18.31 11.72 -2.96
C ILE B 388 17.54 10.51 -2.46
N VAL B 389 17.21 10.51 -1.16
CA VAL B 389 16.49 9.41 -0.54
C VAL B 389 15.33 9.99 0.25
N VAL B 390 14.18 9.30 0.20
CA VAL B 390 13.00 9.67 0.97
C VAL B 390 12.48 8.43 1.67
N ILE B 391 12.29 8.53 2.99
CA ILE B 391 11.82 7.42 3.81
C ILE B 391 10.67 7.92 4.67
N TYR B 392 9.58 7.15 4.71
CA TYR B 392 8.44 7.45 5.57
C TYR B 392 7.92 6.15 6.16
N THR B 393 7.34 6.24 7.35
CA THR B 393 6.60 5.15 7.94
C THR B 393 5.52 5.73 8.84
N THR B 394 4.40 5.01 8.93
CA THR B 394 3.32 5.43 9.79
C THR B 394 2.48 4.21 10.14
N GLY B 395 1.79 4.29 11.28
CA GLY B 395 0.94 3.24 11.76
C GLY B 395 1.56 2.40 12.84
N SER B 396 2.89 2.27 12.82
CA SER B 396 3.58 1.51 13.85
C SER B 396 3.25 2.09 15.22
N GLN B 397 3.39 1.25 16.25
CA GLN B 397 3.23 1.68 17.63
C GLN B 397 4.51 1.42 18.42
N ALA B 398 5.64 1.46 17.74
CA ALA B 398 6.94 1.18 18.32
C ALA B 398 7.55 2.44 18.93
N THR B 399 8.50 2.23 19.83
CA THR B 399 9.18 3.33 20.51
C THR B 399 10.03 4.13 19.54
N MET B 400 10.35 5.36 19.94
CA MET B 400 11.21 6.21 19.12
C MET B 400 12.58 5.57 18.92
N ASP B 401 13.01 4.75 19.86
CA ASP B 401 14.25 3.99 19.67
C ASP B 401 14.10 3.01 18.52
N ILE B 402 13.01 2.24 18.51
CA ILE B 402 12.79 1.28 17.44
C ILE B 402 12.67 2.00 16.10
N LEU B 403 11.92 3.10 16.07
CA LEU B 403 11.77 3.88 14.85
C LEU B 403 13.11 4.44 14.38
N ASN B 404 13.86 5.06 15.29
CA ASN B 404 15.15 5.62 14.94
C ASN B 404 16.09 4.54 14.42
N GLU B 405 16.13 3.38 15.08
CA GLU B 405 16.99 2.30 14.63
C GLU B 405 16.49 1.69 13.33
N ALA B 406 15.18 1.75 13.09
CA ALA B 406 14.63 1.26 11.83
C ALA B 406 15.13 2.11 10.66
N ILE B 407 15.01 3.44 10.78
CA ILE B 407 15.49 4.32 9.72
C ILE B 407 17.01 4.16 9.54
N ALA B 408 17.75 4.10 10.65
CA ALA B 408 19.20 4.00 10.55
C ALA B 408 19.58 2.73 9.81
N MET B 409 18.86 1.64 10.04
CA MET B 409 19.20 0.37 9.39
C MET B 409 18.86 0.42 7.90
N LEU B 410 17.79 1.13 7.51
CA LEU B 410 17.50 1.35 6.10
C LEU B 410 18.61 2.13 5.43
N GLY B 411 19.14 3.16 6.11
CA GLY B 411 20.24 3.91 5.55
C GLY B 411 21.46 3.06 5.28
N ARG B 412 21.79 2.15 6.21
CA ARG B 412 22.91 1.25 5.97
C ARG B 412 22.72 0.43 4.70
N ALA B 413 21.47 0.10 4.37
CA ALA B 413 21.20 -0.68 3.17
C ALA B 413 21.40 0.14 1.90
N MET B 414 21.02 1.41 1.92
CA MET B 414 21.33 2.29 0.79
C MET B 414 22.82 2.48 0.66
N ILE B 415 23.46 2.99 1.72
CA ILE B 415 24.85 3.39 1.67
C ILE B 415 25.75 2.21 1.31
N GLU B 416 25.50 1.05 1.90
CA GLU B 416 26.32 -0.11 1.61
C GLU B 416 26.08 -0.57 0.18
N LYS B 417 27.16 -0.93 -0.50
CA LYS B 417 27.09 -1.33 -1.91
C LYS B 417 26.45 -0.23 -2.74
N TRP B 418 26.77 1.02 -2.38
CA TRP B 418 26.30 2.22 -3.05
C TRP B 418 26.31 2.08 -4.57
S SCN C . -14.95 -11.89 -3.50
C SCN C . -14.81 -13.10 -2.20
N SCN C . -14.71 -13.88 -1.32
S SCN D . -8.82 6.69 2.70
C SCN D . -9.73 5.14 2.64
N SCN D . -10.35 4.13 2.63
S SCN E . -18.53 -7.44 42.36
C SCN E . -16.83 -7.11 41.87
N SCN E . -15.73 -6.89 41.54
S SCN F . -29.10 -2.84 -18.03
C SCN F . -29.06 -4.63 -18.15
N SCN F . -29.01 -5.80 -18.23
#